data_5AF0
#
_entry.id   5AF0
#
_cell.length_a   75.370
_cell.length_b   101.210
_cell.length_c   101.640
_cell.angle_alpha   90.00
_cell.angle_beta   90.04
_cell.angle_gamma   90.00
#
_symmetry.space_group_name_H-M   'P 1 21 1'
#
loop_
_entity.id
_entity.type
_entity.pdbx_description
1 polymer MAELSTROM
2 non-polymer 'ZINC ION'
3 water water
#
_entity_poly.entity_id   1
_entity_poly.type   'polypeptide(L)'
_entity_poly.pdbx_seq_one_letter_code
;PIKVIEQQQREMKNAEDNEKKDIQNIVKLKVFDQSIKTEDFYVIDVNSYCKANGDYLIGEFTVTQFSLQDGVKNSYHETI
IPSCVPVGYMFDVKLGAEEFGLEMPGTDDAGPNYIQILANIIDYLKQKDRTVQVLPPMFTLPEKVDAVQNFISQMCNCAT
EDDSLFRIYKLDTFFFTLINAISSHHDEGFPKESLALTQLTKDLFDYTPGIACERHESLDKSNVCTTSRVKRWVFTILDR
CCPLLGIPLQPGKHLPFDYDI
;
_entity_poly.pdbx_strand_id   A,B,C,D
#
# COMPACT_ATOMS: atom_id res chain seq x y z
N LYS A 13 -5.30 30.78 9.23
CA LYS A 13 -5.04 29.87 8.13
C LYS A 13 -4.73 28.45 8.67
N ASN A 14 -5.13 28.22 9.92
CA ASN A 14 -5.07 26.90 10.54
C ASN A 14 -5.89 25.89 9.71
N ALA A 15 -6.66 26.42 8.76
CA ALA A 15 -7.49 25.64 7.84
C ALA A 15 -6.84 25.58 6.46
N GLU A 16 -5.63 26.11 6.35
CA GLU A 16 -4.92 26.12 5.07
C GLU A 16 -3.83 25.07 5.25
N ASP A 17 -3.66 24.66 6.51
CA ASP A 17 -2.85 23.49 6.83
C ASP A 17 -3.71 22.32 6.43
N ASN A 18 -5.02 22.52 6.60
CA ASN A 18 -6.01 21.54 6.23
C ASN A 18 -6.00 21.28 4.74
N GLU A 19 -5.82 22.34 3.96
CA GLU A 19 -5.73 22.20 2.53
C GLU A 19 -4.48 21.43 2.16
N LYS A 20 -3.42 21.70 2.90
CA LYS A 20 -2.13 21.08 2.67
C LYS A 20 -2.22 19.59 3.03
N LYS A 21 -2.77 19.29 4.20
CA LYS A 21 -2.92 17.92 4.63
C LYS A 21 -3.93 17.18 3.75
N ASP A 22 -4.86 17.93 3.16
CA ASP A 22 -5.82 17.35 2.23
C ASP A 22 -5.14 16.92 0.92
N ILE A 23 -4.33 17.80 0.35
CA ILE A 23 -3.63 17.50 -0.89
C ILE A 23 -2.63 16.35 -0.73
N GLN A 24 -1.96 16.27 0.42
CA GLN A 24 -1.06 15.16 0.68
C GLN A 24 -1.83 13.87 0.79
N ASN A 25 -2.88 13.92 1.59
CA ASN A 25 -3.77 12.79 1.82
C ASN A 25 -4.26 12.16 0.54
N ILE A 26 -4.67 12.97 -0.41
CA ILE A 26 -5.07 12.45 -1.69
C ILE A 26 -3.91 11.76 -2.40
N VAL A 27 -2.76 12.43 -2.45
CA VAL A 27 -1.70 11.97 -3.32
C VAL A 27 -0.96 10.79 -2.77
N LYS A 28 -0.67 10.80 -1.47
CA LYS A 28 0.12 9.72 -0.86
C LYS A 28 -0.60 8.39 -1.01
N LEU A 29 -1.88 8.38 -0.67
CA LEU A 29 -2.68 7.17 -0.72
C LEU A 29 -2.84 6.61 -2.14
N LYS A 30 -2.91 7.48 -3.13
CA LYS A 30 -3.15 7.02 -4.49
C LYS A 30 -1.87 6.51 -5.10
N VAL A 31 -0.73 6.86 -4.52
CA VAL A 31 0.49 6.26 -4.98
C VAL A 31 0.71 5.08 -4.10
N PHE A 32 0.26 5.18 -2.86
CA PHE A 32 0.40 4.09 -1.91
C PHE A 32 -0.45 2.91 -2.41
N ASP A 33 -1.62 3.15 -2.98
CA ASP A 33 -2.31 1.99 -3.55
C ASP A 33 -2.03 1.87 -5.05
N GLN A 34 -0.90 2.43 -5.48
CA GLN A 34 -0.39 2.26 -6.85
C GLN A 34 -1.42 2.45 -7.95
N SER A 35 -2.07 3.61 -7.97
CA SER A 35 -3.09 3.94 -8.97
C SER A 35 -2.98 5.40 -9.45
N ILE A 36 -1.89 6.05 -9.10
CA ILE A 36 -1.76 7.49 -9.25
C ILE A 36 -1.60 7.96 -10.70
N LYS A 37 -1.12 7.09 -11.58
CA LYS A 37 -0.96 7.36 -12.99
C LYS A 37 -2.30 7.50 -13.70
N THR A 38 -3.34 6.93 -13.10
CA THR A 38 -4.61 6.85 -13.79
C THR A 38 -5.65 7.69 -13.07
N GLU A 39 -5.32 8.19 -11.89
CA GLU A 39 -6.33 8.98 -11.22
C GLU A 39 -6.55 10.27 -11.98
N ASP A 40 -7.79 10.74 -11.94
CA ASP A 40 -8.24 11.89 -12.67
C ASP A 40 -8.20 13.10 -11.74
N PHE A 41 -7.45 14.13 -12.13
CA PHE A 41 -7.41 15.36 -11.37
C PHE A 41 -7.93 16.52 -12.21
N TYR A 42 -8.44 17.54 -11.53
CA TYR A 42 -9.15 18.64 -12.19
C TYR A 42 -8.53 20.03 -11.96
N VAL A 43 -8.27 20.74 -13.06
CA VAL A 43 -7.73 22.11 -13.03
C VAL A 43 -8.71 23.15 -13.60
N ILE A 44 -8.80 24.30 -12.95
CA ILE A 44 -9.73 25.32 -13.37
C ILE A 44 -9.03 26.69 -13.49
N ASP A 45 -9.41 27.49 -14.47
CA ASP A 45 -8.96 28.88 -14.56
C ASP A 45 -10.15 29.73 -15.05
N VAL A 46 -10.17 31.02 -14.71
CA VAL A 46 -11.23 31.94 -15.17
C VAL A 46 -10.64 33.24 -15.66
N ASN A 47 -11.35 33.93 -16.55
CA ASN A 47 -11.13 35.35 -16.87
C ASN A 47 -12.19 36.25 -16.26
N SER A 48 -11.79 37.35 -15.64
CA SER A 48 -12.79 38.30 -15.12
C SER A 48 -12.78 39.65 -15.86
N TYR A 49 -13.95 40.11 -16.28
CA TYR A 49 -14.10 41.45 -16.85
C TYR A 49 -13.60 42.49 -15.89
N CYS A 50 -14.07 42.40 -14.66
CA CYS A 50 -13.75 43.35 -13.61
C CYS A 50 -14.13 42.78 -12.26
N LYS A 51 -13.88 43.51 -11.19
CA LYS A 51 -14.37 43.06 -9.90
C LYS A 51 -15.38 44.06 -9.37
N ALA A 52 -16.65 43.82 -9.70
CA ALA A 52 -17.74 44.71 -9.37
C ALA A 52 -18.61 44.27 -8.19
N ASN A 53 -18.73 45.16 -7.22
CA ASN A 53 -19.62 45.03 -6.07
C ASN A 53 -19.31 43.89 -5.14
N GLY A 54 -18.03 43.61 -4.92
CA GLY A 54 -17.64 42.55 -4.00
C GLY A 54 -17.44 41.21 -4.69
N ASP A 55 -18.01 41.08 -5.88
CA ASP A 55 -17.91 39.84 -6.66
C ASP A 55 -17.13 40.08 -7.94
N TYR A 56 -16.51 39.03 -8.45
CA TYR A 56 -15.79 39.13 -9.71
C TYR A 56 -16.73 38.93 -10.86
N LEU A 57 -16.68 39.82 -11.81
CA LEU A 57 -17.45 39.68 -13.04
C LEU A 57 -16.80 38.64 -13.97
N ILE A 58 -17.25 37.40 -13.90
CA ILE A 58 -16.62 36.32 -14.65
C ILE A 58 -16.95 36.36 -16.14
N GLY A 59 -15.95 36.19 -16.98
CA GLY A 59 -16.16 36.20 -18.40
C GLY A 59 -15.85 34.95 -19.17
N GLU A 60 -15.06 34.05 -18.58
CA GLU A 60 -14.72 32.77 -19.18
C GLU A 60 -14.24 31.81 -18.11
N PHE A 61 -14.32 30.52 -18.36
CA PHE A 61 -13.63 29.54 -17.52
C PHE A 61 -13.41 28.26 -18.29
N THR A 62 -12.40 27.50 -17.89
CA THR A 62 -12.24 26.12 -18.36
C THR A 62 -11.89 25.17 -17.21
N VAL A 63 -12.55 24.02 -17.18
CA VAL A 63 -12.14 22.93 -16.31
C VAL A 63 -11.71 21.79 -17.20
N THR A 64 -10.50 21.31 -16.94
CA THR A 64 -9.91 20.30 -17.76
C THR A 64 -9.52 19.11 -16.92
N GLN A 65 -9.67 17.94 -17.52
CA GLN A 65 -9.37 16.68 -16.85
C GLN A 65 -8.12 16.03 -17.42
N PHE A 66 -7.22 15.62 -16.52
CA PHE A 66 -6.01 14.89 -16.89
C PHE A 66 -5.64 13.76 -15.90
N SER A 67 -4.80 12.83 -16.35
CA SER A 67 -4.13 11.83 -15.50
C SER A 67 -2.68 11.78 -15.94
N LEU A 68 -1.76 11.35 -15.07
CA LEU A 68 -0.38 11.25 -15.51
C LEU A 68 -0.24 10.41 -16.77
N GLN A 69 -0.92 9.27 -16.79
CA GLN A 69 -0.83 8.35 -17.92
C GLN A 69 -1.33 8.86 -19.26
N ASP A 70 -2.56 9.37 -19.27
CA ASP A 70 -3.23 9.72 -20.52
C ASP A 70 -3.06 11.19 -20.85
N GLY A 71 -2.67 11.97 -19.85
CA GLY A 71 -2.57 13.42 -20.01
C GLY A 71 -3.93 14.07 -19.96
N VAL A 72 -4.09 15.20 -20.64
CA VAL A 72 -5.38 15.89 -20.70
C VAL A 72 -6.40 15.01 -21.44
N LYS A 73 -7.48 14.67 -20.76
CA LYS A 73 -8.50 13.80 -21.34
C LYS A 73 -9.46 14.62 -22.18
N ASN A 74 -9.92 15.71 -21.59
CA ASN A 74 -10.78 16.68 -22.26
C ASN A 74 -10.90 17.89 -21.37
N SER A 75 -11.79 18.78 -21.72
CA SER A 75 -12.01 19.95 -20.90
C SER A 75 -13.37 20.50 -21.14
N TYR A 76 -13.85 21.25 -20.17
CA TYR A 76 -15.16 21.86 -20.26
C TYR A 76 -15.06 23.39 -20.27
N HIS A 77 -15.36 23.97 -21.42
CA HIS A 77 -15.15 25.40 -21.65
C HIS A 77 -16.39 26.18 -22.04
N GLU A 78 -16.58 27.31 -21.37
CA GLU A 78 -17.60 28.27 -21.76
C GLU A 78 -17.12 29.73 -21.70
N THR A 79 -17.55 30.52 -22.68
CA THR A 79 -17.38 31.97 -22.70
C THR A 79 -18.66 32.61 -22.17
N ILE A 80 -18.56 33.42 -21.13
CA ILE A 80 -19.74 34.04 -20.52
C ILE A 80 -19.94 35.51 -20.81
N ILE A 81 -20.97 35.83 -21.58
CA ILE A 81 -21.35 37.21 -21.81
C ILE A 81 -22.52 37.66 -20.91
N PRO A 82 -22.21 38.36 -19.80
CA PRO A 82 -23.29 38.78 -18.90
C PRO A 82 -24.24 39.67 -19.66
N SER A 83 -25.47 39.77 -19.19
CA SER A 83 -26.42 40.64 -19.84
C SER A 83 -25.90 42.08 -19.89
N CYS A 84 -25.42 42.59 -18.76
CA CYS A 84 -25.11 44.01 -18.67
C CYS A 84 -23.86 44.41 -17.89
N VAL A 85 -23.44 45.67 -18.07
CA VAL A 85 -22.33 46.27 -17.36
C VAL A 85 -22.74 46.87 -16.02
N PRO A 86 -22.05 46.51 -14.92
CA PRO A 86 -22.41 47.09 -13.63
C PRO A 86 -22.29 48.60 -13.66
N VAL A 87 -23.09 49.28 -12.86
CA VAL A 87 -23.10 50.72 -12.91
C VAL A 87 -22.00 51.20 -11.97
N GLY A 88 -21.15 52.06 -12.54
CA GLY A 88 -19.96 52.53 -11.88
C GLY A 88 -18.67 51.95 -12.44
N TYR A 89 -18.79 50.93 -13.30
CA TYR A 89 -17.64 50.11 -13.70
C TYR A 89 -17.46 49.93 -15.20
N MET A 90 -17.80 50.94 -15.97
CA MET A 90 -17.68 50.85 -17.41
C MET A 90 -16.24 50.72 -17.87
N PHE A 91 -15.38 51.58 -17.32
CA PHE A 91 -13.97 51.62 -17.66
C PHE A 91 -13.39 50.25 -17.37
N ASP A 92 -13.70 49.77 -16.18
CA ASP A 92 -13.19 48.50 -15.69
C ASP A 92 -13.61 47.34 -16.60
N VAL A 93 -14.89 47.30 -16.95
CA VAL A 93 -15.44 46.28 -17.85
C VAL A 93 -14.79 46.32 -19.21
N LYS A 94 -14.57 47.53 -19.71
CA LYS A 94 -13.96 47.68 -21.01
C LYS A 94 -12.49 47.23 -20.98
N LEU A 95 -11.82 47.48 -19.87
CA LEU A 95 -10.43 47.09 -19.71
C LEU A 95 -10.22 45.58 -19.75
N GLY A 96 -10.99 44.84 -18.97
CA GLY A 96 -10.88 43.39 -18.97
C GLY A 96 -11.25 42.78 -20.31
N ALA A 97 -12.32 43.27 -20.91
CA ALA A 97 -12.77 42.81 -22.22
C ALA A 97 -11.65 42.98 -23.20
N GLU A 98 -10.95 44.09 -23.01
CA GLU A 98 -9.81 44.53 -23.80
C GLU A 98 -8.67 43.56 -23.64
N GLU A 99 -8.30 43.33 -22.39
CA GLU A 99 -7.21 42.43 -22.08
C GLU A 99 -7.48 41.03 -22.54
N PHE A 100 -8.70 40.55 -22.28
CA PHE A 100 -9.02 39.15 -22.40
C PHE A 100 -9.73 38.71 -23.68
N GLY A 101 -9.98 39.64 -24.58
CA GLY A 101 -10.57 39.31 -25.87
C GLY A 101 -12.03 38.98 -25.76
N LEU A 102 -12.58 39.24 -24.57
CA LEU A 102 -13.95 38.94 -24.25
C LEU A 102 -14.86 39.92 -24.99
N GLU A 103 -16.06 39.47 -25.33
CA GLU A 103 -17.04 40.39 -25.91
C GLU A 103 -17.79 41.14 -24.82
N MET A 104 -18.38 42.27 -25.19
CA MET A 104 -19.08 43.14 -24.25
C MET A 104 -20.44 42.56 -23.86
N PRO A 105 -20.92 42.93 -22.66
CA PRO A 105 -22.22 42.48 -22.15
C PRO A 105 -23.37 42.66 -23.13
N GLY A 106 -24.38 41.82 -22.98
CA GLY A 106 -25.56 41.95 -23.80
C GLY A 106 -25.26 41.65 -25.24
N THR A 107 -25.34 40.39 -25.63
CA THR A 107 -25.38 40.07 -27.04
C THR A 107 -26.50 39.07 -27.18
N ASP A 108 -27.67 39.61 -27.55
CA ASP A 108 -28.92 38.89 -27.67
C ASP A 108 -29.38 38.46 -26.28
N ASP A 109 -28.68 38.97 -25.27
CA ASP A 109 -28.80 38.46 -23.92
C ASP A 109 -28.73 36.93 -23.93
N ALA A 110 -27.76 36.43 -24.69
CA ALA A 110 -27.39 35.03 -24.64
C ALA A 110 -26.80 34.85 -23.25
N GLY A 111 -27.67 35.04 -22.26
CA GLY A 111 -27.32 35.20 -20.86
C GLY A 111 -26.70 34.05 -20.12
N PRO A 112 -25.98 34.38 -19.02
CA PRO A 112 -25.36 33.39 -18.12
C PRO A 112 -26.34 32.33 -17.62
N ASN A 113 -26.11 31.08 -18.01
CA ASN A 113 -26.93 29.94 -17.63
C ASN A 113 -26.45 29.37 -16.29
N TYR A 114 -26.22 30.23 -15.31
CA TYR A 114 -25.60 29.84 -14.03
C TYR A 114 -26.24 28.71 -13.26
N ILE A 115 -27.57 28.65 -13.31
CA ILE A 115 -28.29 27.55 -12.71
C ILE A 115 -27.74 26.29 -13.38
N GLN A 116 -27.67 26.34 -14.69
CA GLN A 116 -27.25 25.21 -15.46
C GLN A 116 -25.77 24.94 -15.29
N ILE A 117 -24.96 25.99 -15.26
CA ILE A 117 -23.54 25.78 -15.31
C ILE A 117 -23.01 25.06 -14.10
N LEU A 118 -23.48 25.40 -12.90
CA LEU A 118 -23.09 24.66 -11.70
C LEU A 118 -23.36 23.18 -11.88
N ALA A 119 -24.51 22.90 -12.47
CA ALA A 119 -24.92 21.56 -12.78
C ALA A 119 -24.10 20.92 -13.90
N ASN A 120 -23.50 21.69 -14.80
CA ASN A 120 -22.69 21.03 -15.81
C ASN A 120 -21.36 20.69 -15.23
N ILE A 121 -20.94 21.57 -14.34
CA ILE A 121 -19.71 21.42 -13.59
C ILE A 121 -19.88 20.25 -12.65
N ILE A 122 -20.96 20.28 -11.88
CA ILE A 122 -21.21 19.23 -10.94
C ILE A 122 -21.30 17.87 -11.64
N ASP A 123 -21.86 17.86 -12.84
CA ASP A 123 -21.83 16.62 -13.62
C ASP A 123 -20.40 16.27 -14.01
N TYR A 124 -19.61 17.26 -14.48
CA TYR A 124 -18.22 17.03 -14.94
C TYR A 124 -17.29 16.47 -13.88
N LEU A 125 -17.50 16.86 -12.63
CA LEU A 125 -16.60 16.48 -11.54
C LEU A 125 -16.89 15.12 -10.95
N LYS A 126 -18.16 14.72 -10.99
CA LYS A 126 -18.68 13.53 -10.33
C LYS A 126 -17.92 12.28 -10.80
N GLN A 127 -17.49 11.46 -9.83
CA GLN A 127 -16.66 10.28 -10.10
C GLN A 127 -17.47 9.02 -10.33
N LYS A 128 -17.14 8.29 -11.39
CA LYS A 128 -17.79 7.02 -11.69
C LYS A 128 -17.61 6.04 -10.52
N ASP A 129 -18.72 5.50 -10.04
CA ASP A 129 -18.73 4.50 -8.97
C ASP A 129 -18.18 4.97 -7.63
N ARG A 130 -18.45 6.22 -7.27
CA ARG A 130 -18.10 6.75 -5.95
C ARG A 130 -19.26 6.45 -5.01
N THR A 131 -18.98 6.16 -3.74
CA THR A 131 -20.07 5.88 -2.79
C THR A 131 -20.26 6.93 -1.72
N VAL A 132 -19.64 8.10 -1.90
CA VAL A 132 -19.81 9.25 -1.01
C VAL A 132 -20.32 10.48 -1.76
N GLN A 133 -20.92 11.42 -1.04
CA GLN A 133 -21.38 12.68 -1.62
C GLN A 133 -20.19 13.64 -1.59
N VAL A 134 -19.21 13.40 -2.45
CA VAL A 134 -17.97 14.18 -2.43
C VAL A 134 -17.44 14.34 -3.86
N LEU A 135 -17.15 15.59 -4.22
CA LEU A 135 -16.57 15.91 -5.53
C LEU A 135 -15.08 16.12 -5.40
N PRO A 136 -14.34 15.78 -6.46
CA PRO A 136 -12.91 16.04 -6.50
C PRO A 136 -12.60 17.51 -6.30
N PRO A 137 -11.33 17.82 -5.99
CA PRO A 137 -10.91 19.23 -5.99
C PRO A 137 -10.71 19.73 -7.40
N MET A 138 -10.70 21.04 -7.53
CA MET A 138 -10.18 21.66 -8.71
C MET A 138 -9.04 22.50 -8.21
N PHE A 139 -7.94 22.48 -8.95
CA PHE A 139 -6.70 23.17 -8.58
C PHE A 139 -6.50 24.26 -9.56
N THR A 140 -6.06 25.42 -9.09
CA THR A 140 -5.81 26.58 -9.95
C THR A 140 -4.62 27.31 -9.40
N LEU A 141 -4.04 28.20 -10.19
CA LEU A 141 -2.95 28.99 -9.65
C LEU A 141 -3.48 29.85 -8.53
N PRO A 142 -2.65 30.05 -7.49
CA PRO A 142 -2.99 30.78 -6.27
C PRO A 142 -3.72 32.11 -6.50
N GLU A 143 -3.35 32.86 -7.54
CA GLU A 143 -3.95 34.17 -7.78
C GLU A 143 -5.43 34.02 -8.09
N LYS A 144 -5.73 32.99 -8.89
CA LYS A 144 -7.08 32.76 -9.38
C LYS A 144 -8.03 32.14 -8.37
N VAL A 145 -7.58 31.89 -7.14
CA VAL A 145 -8.46 31.31 -6.12
C VAL A 145 -9.62 32.19 -5.70
N ASP A 146 -9.40 33.46 -5.39
CA ASP A 146 -10.49 34.34 -4.99
C ASP A 146 -11.56 34.43 -6.06
N ALA A 147 -11.11 34.59 -7.30
CA ALA A 147 -12.01 34.66 -8.44
C ALA A 147 -12.82 33.38 -8.59
N VAL A 148 -12.12 32.24 -8.60
CA VAL A 148 -12.80 30.99 -8.89
C VAL A 148 -13.71 30.51 -7.74
N GLN A 149 -13.37 30.80 -6.50
CA GLN A 149 -14.26 30.50 -5.37
C GLN A 149 -15.52 31.36 -5.46
N ASN A 150 -15.33 32.61 -5.86
CA ASN A 150 -16.39 33.60 -5.98
C ASN A 150 -17.39 33.15 -7.04
N PHE A 151 -16.88 32.85 -8.24
CA PHE A 151 -17.64 32.23 -9.34
C PHE A 151 -18.49 31.06 -8.87
N ILE A 152 -17.87 30.16 -8.11
CA ILE A 152 -18.53 29.00 -7.57
C ILE A 152 -19.63 29.47 -6.64
N SER A 153 -19.28 30.35 -5.72
CA SER A 153 -20.28 30.93 -4.84
C SER A 153 -21.43 31.64 -5.57
N GLN A 154 -21.13 32.42 -6.60
CA GLN A 154 -22.19 33.12 -7.36
C GLN A 154 -23.24 32.15 -7.87
N MET A 155 -22.78 30.98 -8.29
CA MET A 155 -23.66 30.04 -8.92
C MET A 155 -24.53 29.36 -7.88
N CYS A 156 -24.01 29.25 -6.67
CA CYS A 156 -24.70 28.51 -5.62
C CYS A 156 -25.86 29.30 -5.01
N ASN A 157 -25.99 30.58 -5.36
CA ASN A 157 -27.14 31.36 -4.92
C ASN A 157 -28.31 31.27 -5.87
N CYS A 158 -27.98 31.08 -7.15
CA CYS A 158 -28.99 30.92 -8.20
C CYS A 158 -29.66 29.55 -8.11
N ALA A 159 -29.37 28.87 -7.00
CA ALA A 159 -29.84 27.51 -6.75
C ALA A 159 -29.78 27.23 -5.27
N THR A 160 -29.74 28.29 -4.46
CA THR A 160 -29.73 28.18 -2.99
C THR A 160 -28.58 27.25 -2.49
N GLU A 161 -27.82 26.71 -3.45
CA GLU A 161 -26.82 25.67 -3.28
C GLU A 161 -25.65 26.11 -2.39
N ASP A 162 -24.78 25.18 -2.01
CA ASP A 162 -23.70 25.47 -1.07
C ASP A 162 -22.26 25.48 -1.61
N ASP A 163 -21.50 26.47 -1.14
CA ASP A 163 -20.05 26.57 -1.30
C ASP A 163 -19.32 25.29 -0.96
N SER A 164 -19.66 24.73 0.21
CA SER A 164 -18.95 23.64 0.88
C SER A 164 -18.75 22.42 0.02
N LEU A 165 -19.64 22.25 -0.95
CA LEU A 165 -19.51 21.16 -1.90
C LEU A 165 -18.12 21.08 -2.54
N PHE A 166 -17.52 22.26 -2.70
CA PHE A 166 -16.30 22.41 -3.49
C PHE A 166 -15.08 22.74 -2.67
N ARG A 167 -13.96 22.19 -3.11
CA ARG A 167 -12.68 22.54 -2.54
C ARG A 167 -11.93 23.20 -3.66
N ILE A 168 -11.60 24.47 -3.46
CA ILE A 168 -10.83 25.19 -4.47
C ILE A 168 -9.46 25.38 -3.93
N TYR A 169 -8.55 24.56 -4.45
CA TYR A 169 -7.23 24.32 -3.92
C TYR A 169 -6.12 24.81 -4.87
N LYS A 170 -4.95 25.06 -4.30
CA LYS A 170 -3.81 25.63 -5.03
C LYS A 170 -3.03 24.60 -5.84
N LEU A 171 -2.78 24.93 -7.11
CA LEU A 171 -2.15 24.00 -8.06
C LEU A 171 -0.68 23.75 -7.80
N ASP A 172 0.02 24.77 -7.30
CA ASP A 172 1.44 24.65 -7.05
C ASP A 172 1.69 23.59 -5.98
N THR A 173 0.88 23.62 -4.93
CA THR A 173 0.90 22.64 -3.84
C THR A 173 0.64 21.24 -4.36
N PHE A 174 -0.22 21.15 -5.34
CA PHE A 174 -0.43 19.86 -5.98
C PHE A 174 0.80 19.36 -6.74
N PHE A 175 1.37 20.20 -7.62
CA PHE A 175 2.54 19.86 -8.42
C PHE A 175 3.64 19.37 -7.50
N PHE A 176 3.92 20.18 -6.50
CA PHE A 176 4.93 19.93 -5.47
C PHE A 176 4.80 18.54 -4.85
N THR A 177 3.60 18.20 -4.40
CA THR A 177 3.32 16.94 -3.71
C THR A 177 3.29 15.74 -4.64
N LEU A 178 2.64 15.89 -5.78
CA LEU A 178 2.59 14.84 -6.78
C LEU A 178 4.00 14.45 -7.17
N ILE A 179 4.80 15.40 -7.60
CA ILE A 179 6.13 15.09 -8.08
C ILE A 179 6.97 14.46 -6.96
N ASN A 180 6.89 14.97 -5.73
CA ASN A 180 7.79 14.51 -4.68
C ASN A 180 7.42 13.15 -4.11
N ALA A 181 6.23 12.69 -4.46
CA ALA A 181 5.78 11.39 -4.00
C ALA A 181 6.05 10.32 -5.04
N ILE A 182 6.34 10.75 -6.26
CA ILE A 182 6.53 9.83 -7.37
C ILE A 182 7.97 9.93 -7.83
N SER A 183 8.78 10.49 -6.96
CA SER A 183 10.12 10.91 -7.31
C SER A 183 11.14 9.77 -7.38
N SER A 184 11.10 8.89 -6.37
CA SER A 184 12.17 7.89 -6.14
C SER A 184 13.55 8.55 -5.91
N HIS A 185 14.36 8.71 -6.96
CA HIS A 185 15.71 9.29 -6.83
C HIS A 185 15.75 10.71 -6.27
N HIS A 186 16.84 10.97 -5.54
CA HIS A 186 17.06 12.23 -4.84
C HIS A 186 17.19 13.40 -5.79
N ASP A 187 17.72 13.12 -6.96
CA ASP A 187 17.97 14.13 -7.97
C ASP A 187 16.65 14.76 -8.45
N GLU A 188 15.57 14.00 -8.30
CA GLU A 188 14.24 14.37 -8.77
C GLU A 188 13.44 15.25 -7.80
N GLY A 189 12.66 16.18 -8.36
CA GLY A 189 11.72 16.94 -7.57
C GLY A 189 12.05 18.35 -7.14
N PHE A 190 11.22 18.88 -6.26
CA PHE A 190 11.31 20.24 -5.76
C PHE A 190 11.69 20.23 -4.29
N PRO A 191 12.79 20.87 -3.91
CA PRO A 191 13.11 20.96 -2.49
C PRO A 191 12.16 21.90 -1.74
N LYS A 192 11.79 23.01 -2.38
CA LYS A 192 10.91 23.95 -1.74
C LYS A 192 9.67 24.13 -2.63
N GLU A 193 8.53 24.42 -1.99
CA GLU A 193 7.25 24.58 -2.70
C GLU A 193 7.32 25.69 -3.72
N SER A 194 8.15 26.68 -3.40
CA SER A 194 8.43 27.84 -4.23
C SER A 194 8.74 27.47 -5.68
N LEU A 195 9.48 26.40 -5.86
CA LEU A 195 9.94 26.02 -7.19
C LEU A 195 8.81 25.63 -8.09
N ALA A 196 7.71 25.20 -7.47
CA ALA A 196 6.57 24.71 -8.22
C ALA A 196 5.78 25.86 -8.82
N LEU A 197 5.43 26.84 -7.98
CA LEU A 197 4.77 28.08 -8.43
C LEU A 197 5.61 28.72 -9.51
N THR A 198 6.91 28.69 -9.25
CA THR A 198 7.90 29.29 -10.10
C THR A 198 7.99 28.54 -11.42
N GLN A 199 7.73 27.25 -11.42
CA GLN A 199 7.81 26.51 -12.66
C GLN A 199 6.52 26.63 -13.44
N LEU A 200 5.41 26.81 -12.73
CA LEU A 200 4.08 27.00 -13.34
C LEU A 200 3.92 28.44 -13.81
N THR A 201 4.80 29.28 -13.33
CA THR A 201 4.91 30.66 -13.79
C THR A 201 5.85 30.75 -15.00
N LYS A 202 6.85 29.87 -15.01
CA LYS A 202 7.76 29.75 -16.15
C LYS A 202 6.99 29.49 -17.44
N ASP A 203 6.23 28.41 -17.47
CA ASP A 203 5.42 28.07 -18.62
C ASP A 203 3.96 27.77 -18.24
N ALA A 212 -6.12 25.76 -27.37
CA ALA A 212 -6.90 26.90 -26.90
C ALA A 212 -8.39 26.74 -27.15
N CYS A 213 -9.07 27.86 -27.35
CA CYS A 213 -10.49 27.86 -27.71
C CYS A 213 -10.63 28.46 -29.11
N GLU A 214 -11.66 28.01 -29.83
CA GLU A 214 -11.89 28.41 -31.22
C GLU A 214 -11.95 29.93 -31.43
N ARG A 215 -12.68 30.63 -30.57
CA ARG A 215 -12.80 32.09 -30.66
C ARG A 215 -11.44 32.75 -30.59
N HIS A 216 -10.70 32.41 -29.54
CA HIS A 216 -9.38 32.97 -29.29
C HIS A 216 -8.43 32.57 -30.42
N GLU A 217 -8.51 31.32 -30.87
CA GLU A 217 -7.74 30.88 -32.03
C GLU A 217 -8.16 31.72 -33.25
N SER A 218 -9.43 32.13 -33.29
CA SER A 218 -9.91 33.05 -34.33
C SER A 218 -9.44 34.48 -34.06
N LEU A 219 -9.15 34.80 -32.80
CA LEU A 219 -8.63 36.12 -32.41
C LEU A 219 -7.10 36.17 -32.33
N ASP A 220 -6.43 35.20 -32.95
CA ASP A 220 -4.96 35.11 -33.02
C ASP A 220 -4.34 34.71 -31.67
N LYS A 221 -4.68 35.45 -30.62
CA LYS A 221 -4.27 35.11 -29.25
C LYS A 221 -5.51 35.09 -28.36
N SER A 222 -5.99 33.95 -27.84
CA SER A 222 -5.41 32.59 -27.84
C SER A 222 -4.11 32.52 -27.09
N ASN A 223 -4.02 33.34 -26.05
CA ASN A 223 -2.88 33.33 -25.17
C ASN A 223 -3.39 33.65 -23.79
N VAL A 224 -4.50 34.37 -23.77
CA VAL A 224 -5.19 34.70 -22.54
C VAL A 224 -6.42 33.82 -22.42
N CYS A 225 -6.47 32.78 -23.24
CA CYS A 225 -7.57 31.83 -23.18
C CYS A 225 -7.46 30.95 -21.94
N THR A 226 -8.56 30.84 -21.19
CA THR A 226 -8.55 30.00 -20.01
C THR A 226 -8.34 28.56 -20.41
N THR A 227 -8.74 28.20 -21.61
CA THR A 227 -8.42 26.88 -22.12
C THR A 227 -6.91 26.81 -22.34
N SER A 228 -6.38 27.83 -22.99
CA SER A 228 -4.94 27.93 -23.15
C SER A 228 -4.24 28.01 -21.81
N ARG A 229 -4.57 29.01 -21.00
CA ARG A 229 -3.91 29.23 -19.72
C ARG A 229 -3.83 27.96 -18.91
N VAL A 230 -4.98 27.32 -18.74
CA VAL A 230 -5.10 26.09 -17.98
C VAL A 230 -4.28 24.93 -18.60
N LYS A 231 -4.21 24.85 -19.93
CA LYS A 231 -3.49 23.75 -20.60
C LYS A 231 -1.96 23.88 -20.51
N ARG A 232 -1.46 25.10 -20.49
CA ARG A 232 -0.01 25.29 -20.32
C ARG A 232 0.42 24.92 -18.91
N TRP A 233 -0.46 25.08 -17.93
CA TRP A 233 -0.16 24.71 -16.55
C TRP A 233 0.13 23.22 -16.45
N VAL A 234 -0.79 22.42 -17.01
CA VAL A 234 -0.72 20.97 -16.91
C VAL A 234 0.45 20.41 -17.69
N PHE A 235 0.76 21.00 -18.83
CA PHE A 235 1.85 20.52 -19.64
C PHE A 235 3.18 20.58 -18.90
N THR A 236 3.36 21.58 -18.05
CA THR A 236 4.65 21.66 -17.35
C THR A 236 4.73 20.65 -16.21
N ILE A 237 3.61 20.46 -15.51
CA ILE A 237 3.60 19.46 -14.46
C ILE A 237 3.65 18.05 -15.05
N LEU A 238 2.87 17.77 -16.09
CA LEU A 238 3.06 16.50 -16.79
C LEU A 238 4.49 16.34 -17.27
N ASP A 239 5.04 17.42 -17.78
CA ASP A 239 6.40 17.44 -18.28
C ASP A 239 7.40 16.94 -17.24
N ARG A 240 7.23 17.36 -15.98
CA ARG A 240 8.20 17.02 -14.95
C ARG A 240 7.83 15.72 -14.22
N CYS A 241 6.55 15.32 -14.31
CA CYS A 241 5.98 14.19 -13.54
C CYS A 241 5.89 12.86 -14.30
N CYS A 242 5.61 12.95 -15.58
CA CYS A 242 5.46 11.77 -16.44
C CYS A 242 6.69 10.92 -16.57
N PRO A 243 7.86 11.56 -16.80
CA PRO A 243 9.00 10.67 -17.03
C PRO A 243 9.47 9.98 -15.76
N LEU A 244 9.16 10.55 -14.61
CA LEU A 244 9.46 9.89 -13.34
C LEU A 244 8.75 8.54 -13.22
N LEU A 245 7.78 8.33 -14.10
CA LEU A 245 7.00 7.09 -14.08
C LEU A 245 7.12 6.38 -15.41
N GLY A 246 8.00 6.90 -16.26
CA GLY A 246 8.21 6.37 -17.58
C GLY A 246 6.93 6.39 -18.38
N ILE A 247 6.50 7.59 -18.75
CA ILE A 247 5.32 7.78 -19.57
C ILE A 247 5.73 8.62 -20.75
N PRO A 248 5.51 8.12 -21.97
CA PRO A 248 5.87 8.89 -23.16
C PRO A 248 4.95 10.09 -23.29
N LEU A 249 5.51 11.27 -23.51
CA LEU A 249 4.70 12.46 -23.54
C LEU A 249 4.09 12.62 -24.92
N GLN A 250 2.99 11.94 -25.15
CA GLN A 250 2.36 11.95 -26.45
C GLN A 250 1.81 13.30 -26.81
N PRO A 251 2.06 13.72 -28.06
CA PRO A 251 1.58 15.01 -28.51
C PRO A 251 0.06 14.98 -28.68
N GLY A 252 -0.59 16.06 -28.25
CA GLY A 252 -2.03 16.15 -28.24
C GLY A 252 -2.60 15.44 -27.05
N LYS A 253 -1.72 14.93 -26.19
CA LYS A 253 -2.16 14.31 -24.95
C LYS A 253 -1.32 14.88 -23.81
N HIS A 254 -0.01 14.68 -23.86
CA HIS A 254 0.90 15.21 -22.86
C HIS A 254 1.67 16.42 -23.38
N LEU A 255 1.86 16.43 -24.69
CA LEU A 255 2.52 17.52 -25.40
C LEU A 255 1.47 18.13 -26.33
N PRO A 256 1.76 19.30 -26.91
CA PRO A 256 0.81 19.74 -27.94
C PRO A 256 0.92 18.95 -29.26
N PHE A 257 -0.12 19.07 -30.08
CA PHE A 257 -0.32 18.43 -31.40
C PHE A 257 -1.01 17.07 -31.22
N MET B 12 3.37 -22.47 26.00
CA MET B 12 4.36 -22.11 24.99
C MET B 12 3.84 -21.06 24.00
N LYS B 13 2.63 -20.56 24.25
CA LYS B 13 2.05 -19.52 23.39
C LYS B 13 2.78 -18.16 23.40
N ASN B 14 3.59 -17.90 24.43
CA ASN B 14 4.33 -16.66 24.53
C ASN B 14 5.24 -16.44 23.31
N ALA B 15 5.75 -17.54 22.77
CA ALA B 15 6.56 -17.56 21.56
C ALA B 15 5.84 -18.22 20.36
N GLU B 16 4.54 -18.50 20.48
CA GLU B 16 3.81 -19.21 19.41
C GLU B 16 2.71 -18.44 18.65
N ASP B 17 2.22 -17.38 19.28
CA ASP B 17 1.33 -16.43 18.64
C ASP B 17 2.18 -15.47 17.81
N ASN B 18 3.42 -15.33 18.23
CA ASN B 18 4.40 -14.52 17.52
C ASN B 18 4.60 -15.05 16.12
N GLU B 19 4.49 -16.36 15.94
CA GLU B 19 4.59 -16.94 14.60
C GLU B 19 3.48 -16.41 13.73
N LYS B 20 2.29 -16.30 14.31
CA LYS B 20 1.11 -15.85 13.58
C LYS B 20 1.21 -14.40 13.22
N LYS B 21 1.63 -13.57 14.17
CA LYS B 21 1.75 -12.13 13.94
C LYS B 21 2.80 -11.86 12.89
N ASP B 22 3.80 -12.71 12.86
CA ASP B 22 4.86 -12.70 11.86
C ASP B 22 4.36 -13.16 10.48
N ILE B 23 3.64 -14.29 10.45
CA ILE B 23 3.11 -14.81 9.18
C ILE B 23 2.09 -13.82 8.61
N GLN B 24 1.30 -13.19 9.46
CA GLN B 24 0.41 -12.12 9.02
C GLN B 24 1.22 -10.92 8.52
N ASN B 25 2.20 -10.52 9.32
CA ASN B 25 3.12 -9.45 8.99
C ASN B 25 3.80 -9.57 7.65
N ILE B 26 4.24 -10.76 7.34
CA ILE B 26 4.86 -10.97 6.05
C ILE B 26 3.85 -10.79 4.92
N VAL B 27 2.70 -11.43 5.06
CA VAL B 27 1.77 -11.59 3.95
C VAL B 27 0.95 -10.34 3.67
N LYS B 28 0.53 -9.66 4.73
CA LYS B 28 -0.28 -8.47 4.58
C LYS B 28 0.51 -7.40 3.82
N LEU B 29 1.75 -7.19 4.23
CA LEU B 29 2.62 -6.20 3.62
C LEU B 29 2.98 -6.50 2.16
N LYS B 30 3.14 -7.77 1.77
CA LYS B 30 3.54 -8.04 0.41
C LYS B 30 2.39 -7.90 -0.55
N VAL B 31 1.17 -7.90 -0.05
CA VAL B 31 0.05 -7.60 -0.90
C VAL B 31 -0.15 -6.11 -0.73
N PHE B 32 0.22 -5.61 0.45
CA PHE B 32 0.10 -4.18 0.68
C PHE B 32 1.03 -3.51 -0.28
N ASP B 33 2.22 -4.06 -0.49
CA ASP B 33 3.01 -3.41 -1.49
C ASP B 33 2.87 -4.13 -2.82
N GLN B 34 1.80 -4.89 -2.95
CA GLN B 34 1.41 -5.50 -4.22
C GLN B 34 2.55 -6.19 -4.94
N SER B 35 3.10 -7.23 -4.31
CA SER B 35 4.21 -7.99 -4.87
C SER B 35 4.09 -9.51 -4.70
N ILE B 36 2.94 -9.98 -4.26
CA ILE B 36 2.84 -11.37 -3.81
C ILE B 36 2.80 -12.44 -4.91
N LYS B 37 2.35 -12.11 -6.11
CA LYS B 37 2.32 -13.11 -7.18
C LYS B 37 3.73 -13.51 -7.56
N THR B 38 4.69 -12.67 -7.25
CA THR B 38 6.04 -12.90 -7.73
C THR B 38 6.96 -13.23 -6.58
N GLU B 39 6.46 -13.10 -5.35
CA GLU B 39 7.29 -13.39 -4.21
C GLU B 39 7.57 -14.90 -4.13
N ASP B 40 8.75 -15.23 -3.62
CA ASP B 40 9.25 -16.59 -3.52
C ASP B 40 9.01 -17.12 -2.12
N PHE B 41 8.38 -18.29 -2.01
CA PHE B 41 8.18 -18.90 -0.69
C PHE B 41 8.86 -20.26 -0.60
N TYR B 42 9.19 -20.65 0.63
CA TYR B 42 9.93 -21.87 0.87
C TYR B 42 9.24 -22.90 1.76
N VAL B 43 9.09 -24.10 1.23
CA VAL B 43 8.51 -25.23 1.95
C VAL B 43 9.51 -26.37 2.11
N ILE B 44 9.53 -27.00 3.27
CA ILE B 44 10.47 -28.07 3.56
C ILE B 44 9.74 -29.29 4.16
N ASP B 45 10.18 -30.49 3.83
CA ASP B 45 9.68 -31.71 4.45
C ASP B 45 10.84 -32.70 4.68
N VAL B 46 10.71 -33.59 5.65
CA VAL B 46 11.74 -34.62 5.87
C VAL B 46 11.11 -35.98 6.07
N ASN B 47 11.86 -37.02 5.70
CA ASN B 47 11.62 -38.37 6.20
C ASN B 47 12.70 -38.69 7.21
N SER B 48 12.36 -39.05 8.44
CA SER B 48 13.42 -39.46 9.32
C SER B 48 13.25 -40.94 9.65
N TYR B 49 14.34 -41.70 9.51
CA TYR B 49 14.35 -43.14 9.78
C TYR B 49 13.69 -43.51 11.08
N CYS B 50 14.09 -42.77 12.10
CA CYS B 50 13.65 -42.98 13.46
C CYS B 50 14.00 -41.75 14.27
N LYS B 51 13.63 -41.75 15.54
CA LYS B 51 14.02 -40.70 16.44
C LYS B 51 14.88 -41.29 17.59
N ALA B 52 16.21 -41.23 17.47
CA ALA B 52 17.04 -41.89 18.49
C ALA B 52 17.57 -40.96 19.56
N ASN B 53 16.99 -41.10 20.76
CA ASN B 53 17.43 -40.38 21.95
C ASN B 53 17.42 -38.87 21.78
N GLY B 54 16.32 -38.33 21.27
CA GLY B 54 16.11 -36.89 21.13
C GLY B 54 16.37 -36.25 19.78
N ASP B 55 17.12 -36.93 18.92
CA ASP B 55 17.43 -36.37 17.62
C ASP B 55 16.71 -37.22 16.59
N TYR B 56 16.23 -36.60 15.51
CA TYR B 56 15.62 -37.37 14.45
C TYR B 56 16.67 -37.77 13.44
N LEU B 57 16.75 -39.06 13.14
CA LEU B 57 17.67 -39.49 12.12
C LEU B 57 17.18 -39.15 10.72
N ILE B 58 17.62 -38.04 10.17
CA ILE B 58 17.08 -37.63 8.89
C ILE B 58 17.60 -38.56 7.79
N GLY B 59 16.73 -39.00 6.90
CA GLY B 59 17.18 -39.88 5.84
C GLY B 59 17.02 -39.25 4.49
N GLU B 60 16.17 -38.23 4.43
CA GLU B 60 15.86 -37.44 3.22
C GLU B 60 15.33 -36.06 3.61
N PHE B 61 15.46 -35.08 2.72
CA PHE B 61 14.74 -33.82 2.85
C PHE B 61 14.61 -33.17 1.49
N THR B 62 13.61 -32.32 1.34
CA THR B 62 13.52 -31.43 0.20
C THR B 62 13.10 -30.04 0.64
N VAL B 63 13.71 -29.01 0.06
CA VAL B 63 13.18 -27.66 0.19
C VAL B 63 12.78 -27.16 -1.20
N THR B 64 11.58 -26.61 -1.32
CA THR B 64 11.06 -26.20 -2.63
C THR B 64 10.75 -24.74 -2.62
N GLN B 65 11.05 -24.12 -3.74
CA GLN B 65 10.78 -22.73 -3.93
C GLN B 65 9.66 -22.59 -4.93
N PHE B 66 8.67 -21.79 -4.56
CA PHE B 66 7.56 -21.51 -5.45
C PHE B 66 7.11 -20.05 -5.33
N SER B 67 6.36 -19.59 -6.33
CA SER B 67 5.67 -18.31 -6.25
C SER B 67 4.26 -18.58 -6.75
N LEU B 68 3.32 -17.75 -6.35
CA LEU B 68 1.94 -17.94 -6.76
C LEU B 68 1.81 -17.92 -8.28
N GLN B 69 2.41 -16.92 -8.90
CA GLN B 69 2.30 -16.76 -10.34
C GLN B 69 2.96 -17.88 -11.13
N ASP B 70 4.21 -18.18 -10.82
CA ASP B 70 5.03 -19.09 -11.61
C ASP B 70 4.97 -20.53 -11.09
N GLY B 71 4.46 -20.72 -9.88
CA GLY B 71 4.40 -22.05 -9.30
C GLY B 71 5.73 -22.49 -8.75
N VAL B 72 5.99 -23.79 -8.80
CA VAL B 72 7.26 -24.32 -8.32
C VAL B 72 8.42 -23.83 -9.17
N LYS B 73 9.39 -23.19 -8.54
CA LYS B 73 10.53 -22.67 -9.25
C LYS B 73 11.55 -23.78 -9.43
N ASN B 74 11.86 -24.43 -8.32
CA ASN B 74 12.77 -25.57 -8.27
C ASN B 74 12.75 -26.14 -6.86
N SER B 75 13.69 -27.01 -6.55
CA SER B 75 13.79 -27.58 -5.21
C SER B 75 15.18 -28.03 -4.92
N TYR B 76 15.49 -28.14 -3.63
CA TYR B 76 16.79 -28.66 -3.20
C TYR B 76 16.54 -29.92 -2.37
N HIS B 77 16.91 -31.05 -2.96
CA HIS B 77 16.60 -32.35 -2.37
C HIS B 77 17.87 -33.16 -2.11
N GLU B 78 17.95 -33.71 -0.91
CA GLU B 78 19.04 -34.61 -0.57
C GLU B 78 18.62 -35.89 0.16
N THR B 79 19.33 -36.96 -0.16
CA THR B 79 19.25 -38.21 0.57
C THR B 79 20.38 -38.33 1.58
N ILE B 80 20.05 -38.47 2.85
CA ILE B 80 21.09 -38.57 3.86
C ILE B 80 21.21 -39.97 4.41
N ILE B 81 22.29 -40.63 4.05
CA ILE B 81 22.59 -41.93 4.60
C ILE B 81 23.52 -41.77 5.78
N PRO B 82 23.00 -41.88 7.01
CA PRO B 82 23.86 -41.66 8.17
C PRO B 82 24.99 -42.68 8.10
N SER B 83 26.12 -42.42 8.72
CA SER B 83 27.22 -43.38 8.65
C SER B 83 26.75 -44.76 9.14
N CYS B 84 26.02 -44.79 10.25
CA CYS B 84 25.68 -46.03 10.93
C CYS B 84 24.29 -46.07 11.55
N VAL B 85 23.86 -47.25 12.00
CA VAL B 85 22.60 -47.38 12.73
C VAL B 85 22.81 -47.12 14.21
N PRO B 86 22.02 -46.21 14.81
CA PRO B 86 22.23 -45.99 16.25
C PRO B 86 22.01 -47.27 17.00
N VAL B 87 22.75 -47.47 18.09
CA VAL B 87 22.73 -48.75 18.78
C VAL B 87 21.60 -48.82 19.80
N GLY B 88 20.79 -49.86 19.63
CA GLY B 88 19.57 -50.02 20.38
C GLY B 88 18.35 -49.77 19.53
N TYR B 89 18.55 -49.30 18.30
CA TYR B 89 17.45 -48.76 17.49
C TYR B 89 17.43 -49.39 16.11
N MET B 90 17.86 -50.64 16.04
CA MET B 90 17.98 -51.33 14.77
C MET B 90 16.62 -51.53 14.13
N PHE B 91 15.68 -51.98 14.94
CA PHE B 91 14.34 -52.23 14.49
C PHE B 91 13.68 -50.97 13.94
N ASP B 92 13.74 -49.91 14.72
CA ASP B 92 13.09 -48.68 14.34
C ASP B 92 13.65 -48.18 13.02
N VAL B 93 14.97 -48.19 12.86
CA VAL B 93 15.62 -47.75 11.63
C VAL B 93 15.12 -48.57 10.44
N LYS B 94 14.99 -49.87 10.65
CA LYS B 94 14.54 -50.77 9.60
C LYS B 94 13.05 -50.51 9.29
N LEU B 95 12.28 -50.18 10.32
CA LEU B 95 10.88 -49.87 10.11
C LEU B 95 10.73 -48.63 9.25
N GLY B 96 11.42 -47.55 9.62
CA GLY B 96 11.37 -46.29 8.87
C GLY B 96 11.93 -46.40 7.47
N ALA B 97 13.08 -47.06 7.34
CA ALA B 97 13.74 -47.30 6.06
C ALA B 97 12.81 -48.03 5.09
N GLU B 98 11.98 -48.89 5.66
CA GLU B 98 11.05 -49.73 4.89
C GLU B 98 10.00 -48.90 4.16
N GLU B 99 9.34 -47.99 4.88
CA GLU B 99 8.29 -47.14 4.34
C GLU B 99 8.79 -46.21 3.29
N PHE B 100 9.94 -45.63 3.59
CA PHE B 100 10.38 -44.45 2.90
C PHE B 100 11.30 -44.85 1.78
N GLY B 101 11.47 -46.17 1.65
CA GLY B 101 12.20 -46.73 0.53
C GLY B 101 13.68 -46.47 0.69
N LEU B 102 14.07 -46.04 1.88
CA LEU B 102 15.45 -45.64 2.13
C LEU B 102 16.43 -46.81 2.21
N GLU B 103 17.68 -46.58 1.81
CA GLU B 103 18.73 -47.57 2.00
C GLU B 103 19.40 -47.52 3.35
N MET B 104 19.98 -48.65 3.73
CA MET B 104 20.62 -48.81 5.01
C MET B 104 21.98 -48.12 5.00
N PRO B 105 22.47 -47.72 6.18
CA PRO B 105 23.76 -47.05 6.38
C PRO B 105 25.00 -47.60 5.66
N GLY B 106 26.02 -46.75 5.68
CA GLY B 106 27.35 -47.02 5.18
C GLY B 106 27.63 -47.07 3.70
N THR B 107 26.60 -46.99 2.87
CA THR B 107 26.78 -46.91 1.42
C THR B 107 27.99 -46.04 1.03
N ASP B 108 29.09 -46.73 0.76
CA ASP B 108 30.38 -46.17 0.40
C ASP B 108 30.97 -45.41 1.57
N ASP B 109 30.28 -45.50 2.70
CA ASP B 109 30.50 -44.62 3.85
C ASP B 109 30.64 -43.20 3.35
N ALA B 110 29.83 -42.86 2.34
CA ALA B 110 29.70 -41.49 1.91
C ALA B 110 28.93 -40.83 3.04
N GLY B 111 29.65 -40.45 4.09
CA GLY B 111 29.01 -40.02 5.31
C GLY B 111 28.25 -38.73 5.13
N PRO B 112 27.21 -38.52 5.96
CA PRO B 112 26.42 -37.29 5.94
C PRO B 112 27.30 -36.04 6.05
N ASN B 113 27.32 -35.28 4.97
CA ASN B 113 28.10 -34.05 4.85
C ASN B 113 27.33 -32.85 5.42
N TYR B 114 27.00 -32.94 6.71
CA TYR B 114 26.15 -31.95 7.34
C TYR B 114 26.66 -30.50 7.32
N ILE B 115 27.96 -30.31 7.48
CA ILE B 115 28.55 -28.99 7.33
C ILE B 115 28.26 -28.50 5.94
N GLN B 116 28.44 -29.40 4.99
CA GLN B 116 28.26 -29.10 3.60
C GLN B 116 26.80 -28.74 3.28
N ILE B 117 25.83 -29.51 3.75
CA ILE B 117 24.48 -29.25 3.32
C ILE B 117 23.85 -27.99 3.95
N LEU B 118 24.16 -27.69 5.21
CA LEU B 118 23.65 -26.47 5.86
C LEU B 118 23.91 -25.23 5.03
N ALA B 119 25.13 -25.15 4.53
CA ALA B 119 25.57 -24.05 3.72
C ALA B 119 24.85 -24.09 2.40
N ASN B 120 24.35 -25.24 2.00
CA ASN B 120 23.60 -25.27 0.76
C ASN B 120 22.18 -24.83 0.99
N ILE B 121 21.66 -25.11 2.17
CA ILE B 121 20.33 -24.68 2.54
C ILE B 121 20.37 -23.20 2.72
N ILE B 122 21.32 -22.76 3.54
CA ILE B 122 21.48 -21.34 3.80
C ILE B 122 21.65 -20.59 2.48
N ASP B 123 22.41 -21.18 1.56
CA ASP B 123 22.60 -20.59 0.25
C ASP B 123 21.30 -20.52 -0.52
N TYR B 124 20.51 -21.59 -0.47
CA TYR B 124 19.23 -21.66 -1.19
C TYR B 124 18.23 -20.60 -0.73
N LEU B 125 18.29 -20.26 0.56
CA LEU B 125 17.33 -19.37 1.16
C LEU B 125 17.65 -17.89 0.99
N LYS B 126 18.93 -17.55 0.84
CA LYS B 126 19.34 -16.13 0.82
C LYS B 126 18.61 -15.36 -0.29
N GLN B 127 17.93 -14.29 0.13
CA GLN B 127 17.09 -13.51 -0.77
C GLN B 127 17.77 -12.33 -1.41
N LYS B 128 17.56 -12.25 -2.72
CA LYS B 128 17.95 -11.15 -3.59
C LYS B 128 18.98 -10.17 -3.07
N ASP B 129 18.60 -8.91 -3.27
CA ASP B 129 19.33 -7.74 -2.82
C ASP B 129 18.85 -7.37 -1.43
N ARG B 130 18.83 -8.34 -0.52
CA ARG B 130 18.40 -8.06 0.84
C ARG B 130 19.57 -7.44 1.62
N THR B 131 19.27 -6.45 2.46
CA THR B 131 20.32 -5.72 3.20
C THR B 131 20.31 -5.99 4.71
N VAL B 132 19.59 -7.04 5.11
CA VAL B 132 19.58 -7.52 6.50
C VAL B 132 20.10 -8.96 6.55
N GLN B 133 20.64 -9.33 7.70
CA GLN B 133 21.15 -10.68 7.86
C GLN B 133 19.98 -11.53 8.35
N VAL B 134 19.02 -11.79 7.46
CA VAL B 134 17.77 -12.48 7.81
C VAL B 134 17.34 -13.40 6.68
N LEU B 135 17.07 -14.66 7.01
CA LEU B 135 16.63 -15.62 6.00
C LEU B 135 15.12 -15.84 6.07
N PRO B 136 14.50 -16.10 4.90
CA PRO B 136 13.09 -16.47 4.80
C PRO B 136 12.75 -17.65 5.69
N PRO B 137 11.45 -17.85 5.93
CA PRO B 137 10.95 -19.04 6.61
C PRO B 137 10.92 -20.26 5.72
N MET B 138 10.81 -21.39 6.38
CA MET B 138 10.45 -22.59 5.69
C MET B 138 9.20 -23.04 6.37
N PHE B 139 8.25 -23.49 5.56
CA PHE B 139 6.93 -23.87 6.03
C PHE B 139 6.77 -25.33 5.84
N THR B 140 6.16 -26.00 6.82
CA THR B 140 5.90 -27.42 6.71
C THR B 140 4.69 -27.80 7.53
N LEU B 141 4.19 -29.02 7.33
CA LEU B 141 3.09 -29.46 8.15
C LEU B 141 3.46 -29.42 9.61
N PRO B 142 2.53 -28.99 10.46
CA PRO B 142 2.67 -28.80 11.91
C PRO B 142 3.39 -29.94 12.57
N GLU B 143 3.09 -31.13 12.07
CA GLU B 143 3.62 -32.36 12.62
C GLU B 143 5.12 -32.39 12.39
N LYS B 144 5.53 -31.95 11.20
CA LYS B 144 6.93 -32.01 10.78
C LYS B 144 7.80 -30.93 11.41
N VAL B 145 7.23 -30.07 12.24
CA VAL B 145 8.07 -29.02 12.80
C VAL B 145 9.16 -29.54 13.75
N ASP B 146 8.84 -30.38 14.73
CA ASP B 146 9.88 -30.90 15.63
C ASP B 146 10.99 -31.61 14.87
N ALA B 147 10.61 -32.39 13.88
CA ALA B 147 11.58 -33.08 13.03
C ALA B 147 12.50 -32.08 12.30
N VAL B 148 11.90 -31.09 11.63
CA VAL B 148 12.62 -30.14 10.79
C VAL B 148 13.42 -29.10 11.60
N GLN B 149 12.87 -28.68 12.74
CA GLN B 149 13.61 -27.78 13.63
C GLN B 149 14.85 -28.47 14.13
N ASN B 150 14.70 -29.76 14.44
CA ASN B 150 15.80 -30.55 14.97
C ASN B 150 16.93 -30.74 13.96
N PHE B 151 16.57 -31.18 12.75
CA PHE B 151 17.50 -31.24 11.62
C PHE B 151 18.42 -30.04 11.53
N ILE B 152 17.81 -28.87 11.56
CA ILE B 152 18.51 -27.62 11.55
C ILE B 152 19.36 -27.45 12.80
N SER B 153 18.74 -27.59 13.96
CA SER B 153 19.47 -27.50 15.20
C SER B 153 20.58 -28.53 15.20
N GLN B 154 20.25 -29.73 14.75
CA GLN B 154 21.23 -30.81 14.67
C GLN B 154 22.45 -30.36 13.87
N MET B 155 22.19 -29.63 12.79
CA MET B 155 23.25 -29.19 11.90
C MET B 155 24.01 -27.94 12.36
N CYS B 156 23.37 -27.10 13.16
CA CYS B 156 24.01 -25.87 13.60
C CYS B 156 25.05 -26.13 14.68
N ASN B 157 25.15 -27.38 15.10
CA ASN B 157 26.19 -27.82 16.01
C ASN B 157 27.45 -28.37 15.33
N CYS B 158 27.29 -28.96 14.14
CA CYS B 158 28.39 -29.48 13.32
C CYS B 158 29.19 -28.36 12.67
N ALA B 159 28.90 -27.15 13.13
CA ALA B 159 29.47 -25.91 12.67
C ALA B 159 29.27 -25.06 13.90
N THR B 160 29.03 -23.76 13.77
CA THR B 160 28.83 -23.03 15.00
C THR B 160 27.54 -22.23 15.02
N GLU B 161 26.82 -22.25 13.91
CA GLU B 161 25.69 -21.34 13.73
C GLU B 161 24.54 -21.58 14.68
N ASP B 162 23.56 -20.69 14.66
CA ASP B 162 22.45 -20.74 15.60
C ASP B 162 21.16 -21.15 14.93
N ASP B 163 20.34 -21.89 15.68
CA ASP B 163 18.99 -22.23 15.28
C ASP B 163 18.30 -21.03 14.69
N SER B 164 18.38 -19.91 15.42
CA SER B 164 17.58 -18.70 15.21
C SER B 164 17.59 -18.11 13.80
N LEU B 165 18.67 -18.37 13.06
CA LEU B 165 18.78 -17.93 11.67
C LEU B 165 17.54 -18.27 10.85
N PHE B 166 16.93 -19.39 11.24
CA PHE B 166 15.88 -20.00 10.46
C PHE B 166 14.55 -19.86 11.17
N ARG B 167 13.51 -19.68 10.38
CA ARG B 167 12.18 -19.69 10.94
C ARG B 167 11.49 -20.92 10.35
N ILE B 168 11.11 -21.82 11.25
CA ILE B 168 10.41 -23.03 10.87
C ILE B 168 8.95 -22.88 11.28
N TYR B 169 8.12 -22.60 10.28
CA TYR B 169 6.75 -22.17 10.52
C TYR B 169 5.70 -23.12 9.97
N LYS B 170 4.50 -23.03 10.53
CA LYS B 170 3.43 -23.96 10.20
C LYS B 170 2.80 -23.60 8.87
N LEU B 171 2.69 -24.59 8.00
CA LEU B 171 2.20 -24.37 6.64
C LEU B 171 0.71 -24.08 6.63
N ASP B 172 -0.03 -24.63 7.58
CA ASP B 172 -1.49 -24.41 7.62
C ASP B 172 -1.79 -22.92 7.87
N THR B 173 -1.00 -22.28 8.75
CA THR B 173 -1.14 -20.86 9.01
C THR B 173 -0.94 -20.02 7.76
N PHE B 174 0.00 -20.42 6.90
CA PHE B 174 0.28 -19.68 5.68
C PHE B 174 -0.85 -19.72 4.67
N PHE B 175 -1.34 -20.92 4.32
CA PHE B 175 -2.43 -21.09 3.33
C PHE B 175 -3.59 -20.21 3.74
N PHE B 176 -3.99 -20.38 4.99
CA PHE B 176 -5.09 -19.64 5.58
C PHE B 176 -4.88 -18.14 5.39
N THR B 177 -3.70 -17.65 5.77
CA THR B 177 -3.39 -16.22 5.69
C THR B 177 -3.21 -15.77 4.26
N LEU B 178 -2.50 -16.56 3.47
CA LEU B 178 -2.33 -16.25 2.06
C LEU B 178 -3.67 -16.12 1.38
N ILE B 179 -4.48 -17.17 1.44
CA ILE B 179 -5.74 -17.20 0.71
C ILE B 179 -6.66 -16.10 1.22
N ASN B 180 -6.71 -15.92 2.54
CA ASN B 180 -7.62 -14.95 3.12
C ASN B 180 -7.09 -13.55 2.96
N ALA B 181 -5.86 -13.40 2.46
CA ALA B 181 -5.34 -12.06 2.18
C ALA B 181 -5.57 -11.71 0.72
N ILE B 182 -5.83 -12.72 -0.09
CA ILE B 182 -6.01 -12.54 -1.51
C ILE B 182 -7.40 -12.98 -1.94
N SER B 184 -10.72 -11.25 -2.13
CA SER B 184 -11.74 -10.28 -2.55
C SER B 184 -13.11 -10.62 -1.95
N HIS B 185 -13.92 -11.33 -2.74
CA HIS B 185 -15.30 -11.72 -2.40
C HIS B 185 -15.48 -12.60 -1.15
N HIS B 186 -16.61 -12.46 -0.47
CA HIS B 186 -16.94 -13.19 0.76
C HIS B 186 -17.08 -14.72 0.62
N ASP B 187 -17.48 -15.18 -0.57
CA ASP B 187 -17.59 -16.61 -0.84
C ASP B 187 -16.21 -17.28 -0.90
N GLU B 188 -15.20 -16.47 -1.17
CA GLU B 188 -13.85 -16.98 -1.40
C GLU B 188 -13.07 -17.22 -0.10
N GLY B 189 -12.30 -18.31 -0.06
CA GLY B 189 -11.39 -18.54 1.06
C GLY B 189 -11.87 -19.46 2.16
N PHE B 190 -11.14 -19.43 3.27
CA PHE B 190 -11.41 -20.28 4.42
C PHE B 190 -12.01 -19.45 5.53
N PRO B 191 -13.19 -19.83 6.02
CA PRO B 191 -13.65 -19.11 7.22
C PRO B 191 -12.83 -19.49 8.47
N LYS B 192 -12.44 -20.75 8.59
CA LYS B 192 -11.73 -21.19 9.78
C LYS B 192 -10.35 -21.76 9.47
N GLU B 193 -9.44 -21.65 10.43
CA GLU B 193 -8.05 -22.09 10.30
C GLU B 193 -7.96 -23.59 10.05
N SER B 194 -8.86 -24.31 10.71
CA SER B 194 -9.02 -25.75 10.57
C SER B 194 -9.13 -26.15 9.10
N LEU B 195 -9.76 -25.29 8.32
CA LEU B 195 -10.07 -25.59 6.94
C LEU B 195 -8.85 -25.81 6.09
N ALA B 196 -7.75 -25.23 6.53
CA ALA B 196 -6.50 -25.23 5.76
C ALA B 196 -5.83 -26.59 5.80
N LEU B 197 -5.64 -27.13 7.00
CA LEU B 197 -5.13 -28.48 7.21
C LEU B 197 -5.98 -29.49 6.47
N THR B 198 -7.29 -29.31 6.57
CA THR B 198 -8.23 -30.25 6.01
C THR B 198 -8.01 -30.28 4.52
N GLN B 199 -7.46 -29.20 3.99
CA GLN B 199 -7.20 -29.22 2.58
C GLN B 199 -5.87 -29.90 2.34
N LEU B 200 -4.96 -29.71 3.29
CA LEU B 200 -3.61 -30.25 3.23
C LEU B 200 -3.47 -31.68 3.77
N THR B 201 -4.46 -32.08 4.55
CA THR B 201 -4.47 -33.43 5.08
C THR B 201 -5.17 -34.44 4.17
N LYS B 202 -6.27 -34.00 3.54
CA LYS B 202 -7.03 -34.82 2.58
C LYS B 202 -6.20 -35.41 1.43
N ALA B 212 8.31 -36.78 -10.25
CA ALA B 212 8.97 -36.39 -9.01
C ALA B 212 10.38 -36.95 -8.92
N CYS B 213 10.82 -37.23 -7.69
CA CYS B 213 12.16 -37.79 -7.42
C CYS B 213 12.55 -38.99 -8.30
N GLU B 214 13.69 -38.88 -8.97
CA GLU B 214 14.14 -39.88 -9.93
C GLU B 214 14.31 -41.28 -9.33
N ARG B 215 14.97 -41.36 -8.18
CA ARG B 215 15.20 -42.63 -7.49
C ARG B 215 13.89 -43.31 -7.17
N HIS B 216 13.01 -42.56 -6.50
CA HIS B 216 11.72 -43.07 -6.08
C HIS B 216 10.87 -43.43 -7.29
N GLU B 217 10.85 -42.56 -8.29
CA GLU B 217 10.10 -42.81 -9.52
C GLU B 217 10.60 -44.10 -10.17
N SER B 218 11.88 -44.41 -9.93
CA SER B 218 12.47 -45.66 -10.38
C SER B 218 12.00 -46.85 -9.55
N LEU B 219 11.56 -46.60 -8.31
CA LEU B 219 11.09 -47.67 -7.41
C LEU B 219 9.58 -47.93 -7.44
N ASP B 220 8.89 -47.50 -8.50
CA ASP B 220 7.47 -47.78 -8.71
C ASP B 220 6.61 -47.05 -7.67
N LYS B 221 6.95 -47.25 -6.40
CA LYS B 221 6.34 -46.53 -5.29
C LYS B 221 7.43 -45.92 -4.39
N SER B 222 7.59 -44.59 -4.28
CA SER B 222 7.65 -43.50 -5.29
C SER B 222 6.59 -42.46 -5.02
N ASN B 223 6.25 -42.26 -3.76
CA ASN B 223 5.30 -41.21 -3.40
C ASN B 223 5.54 -40.73 -1.98
N VAL B 224 6.38 -41.44 -1.24
CA VAL B 224 6.71 -41.05 0.12
C VAL B 224 8.00 -40.24 0.14
N CYS B 225 8.38 -39.77 -1.05
CA CYS B 225 9.50 -38.87 -1.21
C CYS B 225 9.14 -37.49 -0.67
N THR B 226 10.03 -36.89 0.10
CA THR B 226 9.78 -35.56 0.64
C THR B 226 9.58 -34.55 -0.48
N THR B 227 10.20 -34.82 -1.63
CA THR B 227 10.03 -34.03 -2.83
C THR B 227 8.61 -34.15 -3.37
N SER B 228 8.13 -35.37 -3.44
CA SER B 228 6.75 -35.65 -3.85
C SER B 228 5.75 -34.92 -2.97
N ARG B 229 5.84 -35.13 -1.67
CA ARG B 229 5.02 -34.42 -0.72
C ARG B 229 5.10 -32.92 -0.93
N VAL B 230 6.30 -32.38 -0.95
CA VAL B 230 6.44 -30.93 -1.04
C VAL B 230 5.81 -30.40 -2.31
N LYS B 231 5.90 -31.12 -3.42
CA LYS B 231 5.33 -30.61 -4.66
C LYS B 231 3.80 -30.73 -4.60
N ARG B 232 3.31 -31.77 -3.95
CA ARG B 232 1.86 -31.90 -3.78
C ARG B 232 1.28 -30.93 -2.77
N TRP B 233 2.03 -30.55 -1.74
CA TRP B 233 1.52 -29.58 -0.79
C TRP B 233 1.24 -28.28 -1.52
N VAL B 234 2.19 -27.83 -2.31
CA VAL B 234 2.04 -26.55 -2.99
C VAL B 234 0.98 -26.59 -4.08
N PHE B 235 0.87 -27.72 -4.77
CA PHE B 235 -0.07 -27.82 -5.89
C PHE B 235 -1.47 -27.56 -5.40
N THR B 236 -1.75 -27.91 -4.15
CA THR B 236 -3.09 -27.67 -3.61
C THR B 236 -3.28 -26.20 -3.19
N ILE B 237 -2.23 -25.55 -2.70
CA ILE B 237 -2.29 -24.11 -2.46
C ILE B 237 -2.37 -23.39 -3.79
N LEU B 238 -1.53 -23.79 -4.72
CA LEU B 238 -1.57 -23.26 -6.08
C LEU B 238 -2.94 -23.51 -6.71
N ASP B 239 -3.50 -24.67 -6.46
CA ASP B 239 -4.86 -24.95 -6.90
C ASP B 239 -5.85 -23.90 -6.47
N ARG B 240 -5.79 -23.53 -5.20
CA ARG B 240 -6.80 -22.67 -4.62
C ARG B 240 -6.47 -21.18 -4.68
N CYS B 241 -5.18 -20.87 -4.79
CA CYS B 241 -4.70 -19.50 -4.68
C CYS B 241 -4.50 -18.81 -6.03
N CYS B 242 -4.08 -19.56 -7.05
CA CYS B 242 -3.80 -18.96 -8.34
C CYS B 242 -4.95 -18.29 -9.10
N PRO B 243 -6.07 -18.98 -9.35
CA PRO B 243 -7.07 -18.25 -10.13
C PRO B 243 -7.79 -17.16 -9.30
N LEU B 244 -7.73 -17.23 -7.97
CA LEU B 244 -8.23 -16.11 -7.17
C LEU B 244 -7.57 -14.81 -7.55
N LEU B 245 -6.43 -14.90 -8.24
CA LEU B 245 -5.66 -13.75 -8.69
C LEU B 245 -5.52 -13.77 -10.21
N GLY B 246 -6.22 -14.71 -10.82
CA GLY B 246 -6.20 -14.89 -12.26
C GLY B 246 -4.84 -15.22 -12.83
N ILE B 247 -4.44 -16.47 -12.58
CA ILE B 247 -3.18 -17.02 -13.07
C ILE B 247 -3.46 -18.35 -13.74
N PRO B 248 -3.04 -18.50 -14.99
CA PRO B 248 -3.24 -19.81 -15.63
C PRO B 248 -2.35 -20.80 -14.91
N LEU B 249 -2.89 -21.94 -14.54
CA LEU B 249 -2.13 -22.87 -13.73
C LEU B 249 -1.26 -23.64 -14.72
N GLN B 250 -0.11 -23.06 -15.05
CA GLN B 250 0.75 -23.65 -16.06
C GLN B 250 1.27 -24.99 -15.55
N PRO B 251 1.21 -26.02 -16.42
CA PRO B 251 1.59 -27.39 -16.08
C PRO B 251 3.08 -27.55 -15.89
N GLY B 252 3.45 -28.29 -14.86
CA GLY B 252 4.84 -28.42 -14.49
C GLY B 252 5.29 -27.21 -13.69
N LYS B 253 4.33 -26.36 -13.35
CA LYS B 253 4.61 -25.18 -12.56
C LYS B 253 3.64 -25.09 -11.38
N HIS B 254 2.34 -25.01 -11.67
CA HIS B 254 1.32 -24.99 -10.61
C HIS B 254 0.60 -26.32 -10.53
N LEU B 255 0.56 -27.00 -11.67
CA LEU B 255 -0.09 -28.30 -11.78
C LEU B 255 0.99 -29.33 -12.06
N PRO B 256 0.65 -30.63 -11.94
CA PRO B 256 1.66 -31.61 -12.36
C PRO B 256 1.83 -31.62 -13.88
N PHE B 257 2.90 -32.26 -14.36
CA PHE B 257 3.22 -32.44 -15.79
C PHE B 257 3.99 -31.24 -16.33
N ARG C 10 -35.56 -4.47 -24.61
CA ARG C 10 -35.46 -3.60 -23.44
C ARG C 10 -35.10 -4.41 -22.20
N GLU C 11 -35.25 -5.73 -22.32
CA GLU C 11 -34.99 -6.70 -21.26
C GLU C 11 -35.30 -6.24 -19.83
N MET C 12 -36.28 -5.36 -19.73
CA MET C 12 -36.80 -4.93 -18.43
C MET C 12 -38.29 -4.66 -18.62
N LYS C 13 -38.91 -5.47 -19.49
CA LYS C 13 -40.36 -5.43 -19.69
C LYS C 13 -41.10 -5.73 -18.40
N ASN C 14 -41.20 -7.01 -18.03
CA ASN C 14 -41.89 -7.41 -16.80
C ASN C 14 -41.26 -6.65 -15.59
N ALA C 15 -39.94 -6.89 -15.43
CA ALA C 15 -39.09 -6.34 -14.39
C ALA C 15 -39.41 -4.97 -13.79
N GLU C 16 -39.43 -3.93 -14.60
CA GLU C 16 -39.60 -2.63 -13.98
C GLU C 16 -41.03 -2.20 -14.19
N ASP C 17 -41.73 -2.89 -15.07
CA ASP C 17 -43.18 -2.74 -15.11
C ASP C 17 -43.85 -3.51 -13.97
N ASN C 18 -43.34 -4.70 -13.61
CA ASN C 18 -43.85 -5.38 -12.40
C ASN C 18 -43.61 -4.55 -11.23
N GLU C 19 -42.44 -3.94 -11.20
CA GLU C 19 -42.03 -3.32 -9.96
C GLU C 19 -43.13 -2.31 -9.72
N LYS C 20 -43.54 -1.61 -10.76
CA LYS C 20 -44.76 -0.79 -10.61
C LYS C 20 -46.01 -1.69 -10.58
N LYS C 21 -46.15 -2.66 -11.50
CA LYS C 21 -47.36 -3.48 -11.50
C LYS C 21 -47.52 -4.28 -10.24
N ASP C 22 -46.42 -4.77 -9.71
CA ASP C 22 -46.46 -5.58 -8.51
C ASP C 22 -46.81 -4.66 -7.34
N ILE C 23 -46.17 -3.50 -7.28
CA ILE C 23 -46.45 -2.58 -6.18
C ILE C 23 -47.90 -2.16 -6.22
N GLN C 24 -48.45 -1.99 -7.42
CA GLN C 24 -49.84 -1.59 -7.58
C GLN C 24 -50.74 -2.66 -7.02
N ASN C 25 -50.51 -3.90 -7.44
CA ASN C 25 -51.26 -5.03 -6.94
C ASN C 25 -51.19 -5.12 -5.44
N ILE C 26 -50.01 -4.95 -4.90
CA ILE C 26 -49.86 -5.04 -3.46
C ILE C 26 -50.74 -3.98 -2.84
N VAL C 27 -50.64 -2.75 -3.33
CA VAL C 27 -51.31 -1.67 -2.63
C VAL C 27 -52.80 -1.66 -2.97
N LYS C 28 -53.12 -1.89 -4.23
CA LYS C 28 -54.51 -1.83 -4.70
C LYS C 28 -55.32 -2.86 -3.97
N LEU C 29 -54.81 -4.08 -3.96
CA LEU C 29 -55.55 -5.17 -3.36
C LEU C 29 -55.63 -5.04 -1.85
N LYS C 30 -54.59 -4.51 -1.21
CA LYS C 30 -54.60 -4.42 0.24
C LYS C 30 -55.44 -3.27 0.77
N VAL C 31 -55.79 -2.32 -0.09
CA VAL C 31 -56.65 -1.25 0.39
C VAL C 31 -58.08 -1.65 0.18
N PHE C 32 -58.32 -2.42 -0.87
CA PHE C 32 -59.65 -2.87 -1.19
C PHE C 32 -60.21 -3.83 -0.16
N ASP C 33 -59.42 -4.78 0.33
CA ASP C 33 -59.94 -5.59 1.41
C ASP C 33 -59.50 -5.03 2.76
N GLN C 34 -59.30 -3.72 2.71
CA GLN C 34 -59.27 -2.82 3.86
C GLN C 34 -58.41 -3.18 5.04
N SER C 35 -57.11 -3.36 4.78
CA SER C 35 -56.15 -3.73 5.81
C SER C 35 -54.88 -2.91 5.63
N ILE C 36 -54.95 -1.90 4.78
CA ILE C 36 -53.73 -1.25 4.32
C ILE C 36 -53.10 -0.42 5.44
N LYS C 37 -53.94 0.00 6.38
CA LYS C 37 -53.47 0.77 7.51
C LYS C 37 -52.65 -0.09 8.46
N THR C 38 -52.83 -1.40 8.39
CA THR C 38 -52.24 -2.26 9.39
C THR C 38 -51.15 -3.18 8.85
N GLU C 39 -51.00 -3.21 7.54
CA GLU C 39 -50.01 -4.08 6.94
C GLU C 39 -48.62 -3.59 7.25
N ASP C 40 -47.68 -4.51 7.29
CA ASP C 40 -46.30 -4.20 7.61
C ASP C 40 -45.49 -4.07 6.33
N PHE C 41 -44.76 -2.97 6.20
CA PHE C 41 -43.88 -2.73 5.06
C PHE C 41 -42.43 -2.64 5.53
N TYR C 42 -41.50 -2.96 4.62
CA TYR C 42 -40.07 -3.01 4.98
C TYR C 42 -39.21 -2.05 4.13
N VAL C 43 -38.47 -1.16 4.79
CA VAL C 43 -37.59 -0.22 4.07
C VAL C 43 -36.09 -0.39 4.40
N ILE C 44 -35.23 -0.32 3.39
CA ILE C 44 -33.80 -0.59 3.63
C ILE C 44 -32.82 0.49 3.10
N ASP C 45 -31.71 0.65 3.84
CA ASP C 45 -30.60 1.50 3.44
C ASP C 45 -29.27 0.79 3.77
N VAL C 46 -28.20 1.13 3.05
CA VAL C 46 -26.85 0.64 3.36
C VAL C 46 -25.87 1.78 3.29
N ASN C 47 -24.80 1.69 4.08
CA ASN C 47 -23.58 2.45 3.83
C ASN C 47 -22.48 1.53 3.31
N SER C 48 -21.86 1.90 2.21
CA SER C 48 -20.70 1.15 1.74
C SER C 48 -19.40 2.00 1.78
N TYR C 49 -18.30 1.42 2.28
CA TYR C 49 -16.98 2.10 2.28
C TYR C 49 -16.64 2.62 0.89
N CYS C 50 -16.74 1.73 -0.09
CA CYS C 50 -16.49 2.08 -1.49
C CYS C 50 -17.01 0.97 -2.38
N LYS C 51 -16.86 1.10 -3.69
CA LYS C 51 -17.24 0.01 -4.56
C LYS C 51 -16.01 -0.58 -5.26
N ALA C 52 -15.47 -1.63 -4.63
CA ALA C 52 -14.27 -2.35 -5.06
C ALA C 52 -14.55 -3.69 -5.74
N ASN C 53 -14.08 -3.84 -6.98
CA ASN C 53 -14.15 -5.11 -7.72
C ASN C 53 -15.56 -5.64 -7.99
N GLY C 54 -16.48 -4.75 -8.32
CA GLY C 54 -17.83 -5.18 -8.65
C GLY C 54 -18.75 -5.18 -7.46
N ASP C 55 -18.17 -5.18 -6.26
CA ASP C 55 -18.92 -5.27 -5.02
C ASP C 55 -18.89 -3.98 -4.19
N TYR C 56 -19.95 -3.73 -3.44
CA TYR C 56 -19.95 -2.64 -2.47
C TYR C 56 -19.41 -3.18 -1.17
N LEU C 57 -18.39 -2.55 -0.64
CA LEU C 57 -17.90 -2.94 0.66
C LEU C 57 -18.87 -2.43 1.71
N ILE C 58 -19.76 -3.30 2.17
CA ILE C 58 -20.76 -2.82 3.09
C ILE C 58 -20.13 -2.54 4.44
N GLY C 59 -20.49 -1.42 5.03
CA GLY C 59 -20.02 -1.11 6.34
C GLY C 59 -21.19 -0.94 7.29
N GLU C 60 -22.37 -0.68 6.72
CA GLU C 60 -23.58 -0.49 7.51
C GLU C 60 -24.89 -0.74 6.76
N PHE C 61 -25.93 -1.15 7.48
CA PHE C 61 -27.27 -1.15 6.92
C PHE C 61 -28.34 -1.16 7.98
N THR C 62 -29.52 -0.71 7.60
CA THR C 62 -30.72 -0.94 8.38
C THR C 62 -31.88 -1.33 7.47
N VAL C 63 -32.67 -2.32 7.89
CA VAL C 63 -33.98 -2.60 7.29
C VAL C 63 -35.08 -2.40 8.35
N THR C 64 -36.09 -1.62 8.00
CA THR C 64 -37.12 -1.23 8.97
C THR C 64 -38.51 -1.65 8.56
N GLN C 65 -39.28 -2.07 9.56
CA GLN C 65 -40.66 -2.48 9.39
C GLN C 65 -41.57 -1.41 9.94
N PHE C 66 -42.49 -0.94 9.10
CA PHE C 66 -43.46 0.04 9.56
C PHE C 66 -44.84 -0.22 8.98
N SER C 67 -45.85 0.31 9.63
CA SER C 67 -47.21 0.25 9.13
C SER C 67 -47.83 1.61 9.23
N LEU C 68 -48.83 1.88 8.40
CA LEU C 68 -49.54 3.14 8.45
C LEU C 68 -50.09 3.39 9.86
N GLN C 69 -50.70 2.36 10.46
CA GLN C 69 -51.33 2.48 11.77
C GLN C 69 -50.35 2.78 12.90
N ASP C 70 -49.31 1.96 13.01
CA ASP C 70 -48.37 2.01 14.13
C ASP C 70 -47.12 2.86 13.85
N GLY C 71 -46.81 3.10 12.58
CA GLY C 71 -45.58 3.76 12.22
C GLY C 71 -44.42 2.77 12.26
N VAL C 72 -43.22 3.24 12.59
CA VAL C 72 -42.07 2.35 12.70
C VAL C 72 -42.24 1.34 13.86
N LYS C 73 -42.25 0.06 13.55
CA LYS C 73 -42.43 -0.95 14.57
C LYS C 73 -41.12 -1.32 15.23
N ASN C 74 -40.12 -1.63 14.40
CA ASN C 74 -38.76 -1.97 14.84
C ASN C 74 -37.81 -2.03 13.65
N SER C 75 -36.58 -2.47 13.88
CA SER C 75 -35.63 -2.58 12.77
C SER C 75 -34.47 -3.52 13.04
N TYR C 76 -33.85 -3.99 11.96
CA TYR C 76 -32.68 -4.81 12.06
C TYR C 76 -31.50 -4.09 11.40
N HIS C 77 -30.54 -3.67 12.22
CA HIS C 77 -29.42 -2.86 11.77
C HIS C 77 -28.07 -3.48 12.00
N GLU C 78 -27.20 -3.48 10.99
CA GLU C 78 -25.86 -3.98 11.24
C GLU C 78 -24.73 -3.09 10.73
N THR C 79 -23.69 -3.03 11.57
CA THR C 79 -22.41 -2.45 11.22
C THR C 79 -21.43 -3.54 10.83
N ILE C 80 -20.95 -3.48 9.59
CA ILE C 80 -20.02 -4.45 9.09
C ILE C 80 -18.64 -3.83 8.96
N ILE C 81 -17.74 -4.21 9.86
CA ILE C 81 -16.37 -3.76 9.76
C ILE C 81 -15.59 -4.86 9.08
N PRO C 82 -15.32 -4.70 7.77
CA PRO C 82 -14.76 -5.78 6.95
C PRO C 82 -13.46 -6.28 7.55
N SER C 83 -13.09 -7.51 7.23
CA SER C 83 -11.83 -8.04 7.72
C SER C 83 -10.68 -7.14 7.25
N CYS C 84 -10.68 -6.80 5.97
CA CYS C 84 -9.56 -6.09 5.36
C CYS C 84 -10.00 -5.12 4.27
N VAL C 85 -9.08 -4.23 3.87
CA VAL C 85 -9.24 -3.28 2.77
C VAL C 85 -8.87 -3.87 1.40
N PRO C 86 -9.73 -3.75 0.38
CA PRO C 86 -9.43 -4.32 -0.95
C PRO C 86 -8.13 -3.81 -1.54
N VAL C 87 -7.47 -4.57 -2.40
CA VAL C 87 -6.15 -4.15 -2.84
C VAL C 87 -6.31 -3.13 -3.97
N GLY C 88 -5.75 -1.95 -3.75
CA GLY C 88 -5.94 -0.83 -4.64
C GLY C 88 -6.83 0.30 -4.15
N TYR C 89 -7.51 0.14 -3.01
CA TYR C 89 -8.60 1.04 -2.60
C TYR C 89 -8.44 1.64 -1.22
N MET C 90 -7.20 1.93 -0.84
CA MET C 90 -6.93 2.51 0.46
C MET C 90 -7.55 3.90 0.56
N PHE C 91 -7.35 4.69 -0.49
CA PHE C 91 -7.89 6.03 -0.52
C PHE C 91 -9.40 6.05 -0.41
N ASP C 92 -10.03 5.27 -1.29
CA ASP C 92 -11.49 5.16 -1.38
C ASP C 92 -12.10 4.64 -0.08
N VAL C 93 -11.54 3.56 0.48
CA VAL C 93 -12.04 3.03 1.75
C VAL C 93 -11.89 4.04 2.88
N LYS C 94 -10.75 4.71 2.97
CA LYS C 94 -10.57 5.66 4.06
C LYS C 94 -11.53 6.85 3.94
N LEU C 95 -11.78 7.28 2.73
CA LEU C 95 -12.70 8.39 2.48
C LEU C 95 -14.10 7.98 2.93
N GLY C 96 -14.53 6.81 2.47
CA GLY C 96 -15.83 6.25 2.81
C GLY C 96 -15.95 6.01 4.31
N ALA C 97 -14.86 5.52 4.90
CA ALA C 97 -14.81 5.32 6.34
C ALA C 97 -15.03 6.61 7.07
N GLU C 98 -14.40 7.65 6.55
CA GLU C 98 -14.44 8.97 7.14
C GLU C 98 -15.82 9.61 6.97
N GLU C 99 -16.33 9.58 5.74
CA GLU C 99 -17.61 10.21 5.40
C GLU C 99 -18.77 9.62 6.19
N PHE C 100 -18.80 8.31 6.32
CA PHE C 100 -19.94 7.59 6.86
C PHE C 100 -19.78 7.24 8.32
N GLY C 101 -18.66 7.64 8.91
CA GLY C 101 -18.45 7.42 10.32
C GLY C 101 -18.09 5.99 10.59
N LEU C 102 -17.80 5.26 9.53
CA LEU C 102 -17.43 3.85 9.61
C LEU C 102 -16.04 3.65 10.20
N GLU C 103 -15.83 2.51 10.86
CA GLU C 103 -14.48 2.15 11.30
C GLU C 103 -13.78 1.51 10.12
N MET C 104 -12.47 1.54 10.12
CA MET C 104 -11.72 0.94 9.03
C MET C 104 -11.65 -0.56 9.25
N PRO C 105 -11.54 -1.32 8.17
CA PRO C 105 -11.39 -2.77 8.26
C PRO C 105 -10.28 -3.22 9.22
N GLY C 106 -10.40 -4.43 9.77
CA GLY C 106 -9.42 -4.94 10.69
C GLY C 106 -9.42 -4.23 12.03
N ALA C 110 -13.18 -12.82 13.76
CA ALA C 110 -14.32 -12.02 14.19
C ALA C 110 -14.99 -11.33 13.01
N GLY C 111 -14.64 -11.77 11.79
CA GLY C 111 -15.08 -11.07 10.60
C GLY C 111 -16.58 -11.21 10.46
N PRO C 112 -17.23 -10.23 9.83
CA PRO C 112 -18.67 -10.20 9.55
C PRO C 112 -19.21 -11.43 8.80
N ASN C 113 -20.04 -12.25 9.45
CA ASN C 113 -20.59 -13.44 8.77
C ASN C 113 -21.90 -13.23 8.02
N TYR C 114 -21.77 -13.11 6.70
CA TYR C 114 -22.88 -12.84 5.80
C TYR C 114 -23.95 -13.94 5.76
N ILE C 115 -23.52 -15.18 5.94
CA ILE C 115 -24.41 -16.33 6.04
C ILE C 115 -25.44 -16.14 7.15
N GLN C 116 -25.00 -15.72 8.32
CA GLN C 116 -25.93 -15.52 9.41
C GLN C 116 -26.83 -14.32 9.24
N ILE C 117 -26.27 -13.17 8.89
CA ILE C 117 -27.08 -11.97 8.87
C ILE C 117 -28.06 -12.06 7.70
N LEU C 118 -27.65 -12.69 6.60
CA LEU C 118 -28.58 -13.00 5.50
C LEU C 118 -29.79 -13.66 6.08
N ALA C 119 -29.53 -14.58 6.99
CA ALA C 119 -30.57 -15.30 7.67
C ALA C 119 -31.35 -14.46 8.70
N ASN C 120 -30.76 -13.41 9.25
CA ASN C 120 -31.54 -12.60 10.20
C ASN C 120 -32.49 -11.65 9.50
N ILE C 121 -32.08 -11.25 8.31
CA ILE C 121 -32.90 -10.40 7.46
C ILE C 121 -34.12 -11.19 7.08
N ILE C 122 -33.86 -12.39 6.60
CA ILE C 122 -34.92 -13.31 6.16
C ILE C 122 -35.93 -13.58 7.29
N ASP C 123 -35.44 -13.69 8.51
CA ASP C 123 -36.32 -13.84 9.68
C ASP C 123 -37.11 -12.56 9.84
N TYR C 124 -36.43 -11.44 9.68
CA TYR C 124 -37.06 -10.13 9.79
C TYR C 124 -38.20 -9.97 8.76
N LEU C 125 -38.00 -10.54 7.57
CA LEU C 125 -38.94 -10.37 6.46
C LEU C 125 -40.12 -11.36 6.34
N LYS C 126 -39.88 -12.63 6.68
CA LYS C 126 -40.88 -13.68 6.49
C LYS C 126 -42.13 -13.37 7.28
N GLN C 127 -43.27 -13.55 6.63
CA GLN C 127 -44.61 -13.18 7.14
C GLN C 127 -45.36 -14.26 7.92
N LYS C 128 -45.92 -13.85 9.04
CA LYS C 128 -46.75 -14.74 9.85
C LYS C 128 -47.94 -15.27 9.04
N ASP C 129 -48.22 -16.55 9.22
CA ASP C 129 -49.35 -17.25 8.61
C ASP C 129 -49.50 -17.06 7.10
N ARG C 130 -48.38 -16.99 6.39
CA ARG C 130 -48.36 -16.97 4.94
C ARG C 130 -48.24 -18.43 4.46
N THR C 131 -48.85 -18.77 3.34
CA THR C 131 -48.81 -20.16 2.85
C THR C 131 -47.99 -20.34 1.58
N VAL C 132 -47.23 -19.30 1.20
CA VAL C 132 -46.28 -19.38 0.08
C VAL C 132 -44.88 -19.05 0.58
N GLN C 133 -43.89 -19.63 -0.09
CA GLN C 133 -42.50 -19.34 0.25
C GLN C 133 -42.00 -18.17 -0.57
N VAL C 134 -42.39 -16.99 -0.14
CA VAL C 134 -42.18 -15.73 -0.84
C VAL C 134 -41.87 -14.66 0.21
N LEU C 135 -40.86 -13.85 -0.07
CA LEU C 135 -40.51 -12.75 0.81
C LEU C 135 -41.09 -11.44 0.29
N PRO C 136 -41.52 -10.56 1.19
CA PRO C 136 -41.93 -9.25 0.74
C PRO C 136 -40.78 -8.54 0.03
N PRO C 137 -41.07 -7.47 -0.70
CA PRO C 137 -39.99 -6.63 -1.22
C PRO C 137 -39.44 -5.76 -0.12
N MET C 138 -38.27 -5.19 -0.37
CA MET C 138 -37.77 -4.14 0.47
C MET C 138 -37.62 -2.93 -0.39
N PHE C 139 -37.92 -1.77 0.17
CA PHE C 139 -37.91 -0.54 -0.60
C PHE C 139 -36.78 0.31 -0.17
N THR C 140 -36.14 0.92 -1.16
CA THR C 140 -35.01 1.79 -0.87
C THR C 140 -35.10 2.86 -1.93
N LEU C 141 -34.35 3.93 -1.74
CA LEU C 141 -34.25 4.98 -2.73
C LEU C 141 -33.67 4.43 -4.01
N PRO C 142 -34.17 4.89 -5.15
CA PRO C 142 -33.78 4.46 -6.50
C PRO C 142 -32.28 4.36 -6.74
N GLU C 143 -31.52 5.31 -6.21
CA GLU C 143 -30.06 5.34 -6.39
C GLU C 143 -29.39 4.26 -5.55
N LYS C 144 -29.88 4.08 -4.33
CA LYS C 144 -29.32 3.13 -3.37
C LYS C 144 -29.69 1.70 -3.70
N VAL C 145 -30.40 1.50 -4.80
CA VAL C 145 -30.83 0.17 -5.19
C VAL C 145 -29.65 -0.76 -5.56
N ASP C 146 -28.76 -0.30 -6.42
CA ASP C 146 -27.63 -1.10 -6.93
C ASP C 146 -26.77 -1.68 -5.81
N ALA C 147 -26.50 -0.84 -4.83
CA ALA C 147 -25.73 -1.18 -3.65
C ALA C 147 -26.41 -2.27 -2.87
N VAL C 148 -27.69 -2.05 -2.58
CA VAL C 148 -28.45 -2.96 -1.73
C VAL C 148 -28.71 -4.27 -2.43
N GLN C 149 -28.96 -4.23 -3.73
CA GLN C 149 -29.11 -5.46 -4.48
C GLN C 149 -27.83 -6.26 -4.46
N ASN C 150 -26.71 -5.59 -4.62
CA ASN C 150 -25.40 -6.25 -4.60
C ASN C 150 -25.06 -6.86 -3.26
N PHE C 151 -25.21 -6.05 -2.22
CA PHE C 151 -25.15 -6.50 -0.84
C PHE C 151 -25.87 -7.82 -0.66
N ILE C 152 -27.08 -7.87 -1.19
CA ILE C 152 -27.89 -9.05 -1.08
C ILE C 152 -27.20 -10.20 -1.73
N SER C 153 -26.80 -10.04 -2.99
CA SER C 153 -26.13 -11.13 -3.71
C SER C 153 -24.95 -11.62 -2.94
N GLN C 154 -24.15 -10.69 -2.46
CA GLN C 154 -22.97 -11.03 -1.69
C GLN C 154 -23.37 -11.97 -0.57
N MET C 155 -24.55 -11.73 -0.02
CA MET C 155 -25.02 -12.54 1.06
C MET C 155 -25.62 -13.85 0.54
N CYS C 156 -26.25 -13.79 -0.62
CA CYS C 156 -26.83 -14.97 -1.24
C CYS C 156 -25.82 -15.74 -2.07
N ASN C 157 -24.64 -15.18 -2.23
CA ASN C 157 -23.57 -15.92 -2.88
C ASN C 157 -22.92 -16.71 -1.77
N CYS C 158 -23.03 -16.14 -0.57
CA CYS C 158 -22.57 -16.71 0.69
C CYS C 158 -23.45 -17.84 1.24
N ALA C 159 -24.41 -18.30 0.42
CA ALA C 159 -25.35 -19.31 0.87
C ALA C 159 -26.01 -19.98 -0.33
N THR C 160 -26.80 -21.02 -0.05
CA THR C 160 -27.50 -21.75 -1.10
C THR C 160 -28.61 -20.90 -1.64
N GLU C 161 -28.77 -19.73 -1.01
CA GLU C 161 -29.87 -18.83 -1.27
C GLU C 161 -29.75 -18.15 -2.61
N ASP C 162 -30.85 -17.52 -3.02
CA ASP C 162 -30.91 -16.86 -4.29
C ASP C 162 -31.17 -15.37 -4.16
N ASP C 163 -30.51 -14.59 -5.01
CA ASP C 163 -30.85 -13.20 -5.23
C ASP C 163 -32.36 -13.12 -5.44
N SER C 164 -32.88 -14.06 -6.22
CA SER C 164 -34.26 -14.04 -6.70
C SER C 164 -35.31 -13.87 -5.61
N LEU C 165 -35.02 -14.45 -4.45
CA LEU C 165 -35.89 -14.32 -3.28
C LEU C 165 -36.29 -12.91 -2.88
N PHE C 166 -35.38 -11.95 -3.09
CA PHE C 166 -35.57 -10.63 -2.52
C PHE C 166 -35.94 -9.64 -3.60
N ARG C 167 -36.81 -8.70 -3.25
CA ARG C 167 -37.13 -7.63 -4.15
C ARG C 167 -36.69 -6.33 -3.57
N ILE C 168 -35.86 -5.63 -4.33
CA ILE C 168 -35.36 -4.33 -3.93
C ILE C 168 -36.01 -3.25 -4.75
N TYR C 169 -36.95 -2.55 -4.15
CA TYR C 169 -37.81 -1.70 -4.94
C TYR C 169 -37.60 -0.22 -4.64
N LYS C 170 -38.06 0.58 -5.59
CA LYS C 170 -37.90 2.02 -5.51
C LYS C 170 -38.99 2.55 -4.61
N LEU C 171 -38.56 3.28 -3.61
CA LEU C 171 -39.41 3.72 -2.53
C LEU C 171 -40.39 4.78 -2.94
N ASP C 172 -40.01 5.60 -3.92
CA ASP C 172 -40.90 6.65 -4.41
C ASP C 172 -42.09 6.03 -5.15
N THR C 173 -41.83 4.99 -5.94
CA THR C 173 -42.90 4.28 -6.64
C THR C 173 -43.84 3.73 -5.60
N PHE C 174 -43.31 3.35 -4.46
CA PHE C 174 -44.17 2.92 -3.37
C PHE C 174 -44.97 4.11 -2.89
N PHE C 175 -44.28 5.21 -2.62
CA PHE C 175 -44.88 6.45 -2.13
C PHE C 175 -45.95 6.91 -3.09
N PHE C 176 -45.56 7.06 -4.35
CA PHE C 176 -46.48 7.48 -5.39
C PHE C 176 -47.69 6.60 -5.47
N THR C 177 -47.47 5.28 -5.49
CA THR C 177 -48.58 4.35 -5.67
C THR C 177 -49.49 4.32 -4.43
N LEU C 178 -48.88 4.32 -3.25
CA LEU C 178 -49.62 4.38 -1.99
C LEU C 178 -50.51 5.62 -1.81
N ILE C 179 -49.91 6.80 -1.82
CA ILE C 179 -50.61 8.02 -1.43
C ILE C 179 -51.75 8.38 -2.37
N ASN C 180 -51.55 8.25 -3.68
CA ASN C 180 -52.57 8.70 -4.61
C ASN C 180 -53.71 7.70 -4.67
N ALA C 181 -53.53 6.58 -4.00
CA ALA C 181 -54.55 5.55 -3.92
C ALA C 181 -55.40 5.68 -2.65
N ILE C 182 -54.98 6.52 -1.71
CA ILE C 182 -55.72 6.67 -0.46
C ILE C 182 -56.24 8.08 -0.28
N SER C 184 -59.14 9.60 -1.34
CA SER C 184 -60.49 10.14 -1.24
C SER C 184 -60.66 11.40 -2.11
N HIS C 185 -60.47 12.59 -1.51
CA HIS C 185 -60.62 13.86 -2.21
C HIS C 185 -59.62 14.04 -3.37
N HIS C 186 -60.04 14.74 -4.42
CA HIS C 186 -59.26 14.97 -5.66
C HIS C 186 -58.00 15.83 -5.54
N ASP C 187 -57.99 16.82 -4.65
CA ASP C 187 -56.80 17.65 -4.46
C ASP C 187 -55.63 16.87 -3.80
N GLU C 188 -55.96 15.76 -3.14
CA GLU C 188 -54.99 15.00 -2.34
C GLU C 188 -54.10 14.06 -3.19
N GLY C 189 -52.82 13.94 -2.84
CA GLY C 189 -51.92 13.02 -3.52
C GLY C 189 -50.99 13.65 -4.55
N PHE C 190 -50.29 12.84 -5.34
CA PHE C 190 -49.29 13.33 -6.31
C PHE C 190 -49.70 13.15 -7.77
N PRO C 191 -49.58 14.22 -8.58
CA PRO C 191 -49.90 14.21 -10.02
C PRO C 191 -48.94 13.44 -10.93
N LYS C 192 -47.63 13.60 -10.72
CA LYS C 192 -46.61 12.95 -11.52
C LYS C 192 -45.65 12.24 -10.58
N GLU C 193 -45.01 11.18 -11.06
CA GLU C 193 -44.10 10.38 -10.22
C GLU C 193 -42.89 11.13 -9.66
N SER C 194 -42.34 12.03 -10.46
CA SER C 194 -41.17 12.82 -10.09
C SER C 194 -41.24 13.42 -8.70
N LEU C 195 -42.45 13.81 -8.32
CA LEU C 195 -42.72 14.52 -7.08
C LEU C 195 -42.44 13.71 -5.82
N ALA C 196 -42.48 12.39 -5.96
CA ALA C 196 -42.32 11.52 -4.81
C ALA C 196 -40.87 11.50 -4.34
N LEU C 197 -39.95 11.34 -5.30
CA LEU C 197 -38.52 11.40 -4.99
C LEU C 197 -38.14 12.67 -4.25
N THR C 198 -38.60 13.80 -4.76
CA THR C 198 -38.20 15.07 -4.18
C THR C 198 -38.72 15.23 -2.77
N GLN C 199 -39.78 14.54 -2.45
CA GLN C 199 -40.38 14.73 -1.16
C GLN C 199 -39.63 13.90 -0.16
N LEU C 200 -39.09 12.80 -0.67
CA LEU C 200 -38.33 11.86 0.15
C LEU C 200 -36.91 12.37 0.33
N THR C 201 -36.50 13.26 -0.56
CA THR C 201 -35.21 13.95 -0.46
C THR C 201 -35.37 15.27 0.31
N LYS C 202 -36.54 15.90 0.18
CA LYS C 202 -36.88 17.12 0.92
C LYS C 202 -36.69 16.96 2.43
N ASP C 203 -37.36 15.97 3.01
CA ASP C 203 -37.22 15.71 4.43
C ASP C 203 -36.87 14.25 4.68
N PRO C 209 -33.90 14.09 14.28
CA PRO C 209 -32.48 13.70 14.23
C PRO C 209 -31.94 13.22 15.59
N GLY C 210 -32.85 12.80 16.47
CA GLY C 210 -32.51 12.36 17.82
C GLY C 210 -32.08 10.91 18.05
N ILE C 211 -32.32 10.02 17.08
CA ILE C 211 -32.03 8.58 17.23
C ILE C 211 -31.40 7.90 16.00
N ALA C 212 -30.39 7.05 16.25
CA ALA C 212 -29.67 6.31 15.22
C ALA C 212 -29.11 4.98 15.78
N CYS C 213 -27.95 4.54 15.31
CA CYS C 213 -27.26 3.39 15.86
C CYS C 213 -26.41 3.92 17.02
N GLU C 214 -26.16 3.08 18.02
CA GLU C 214 -25.48 3.53 19.23
C GLU C 214 -24.18 4.28 18.94
N ARG C 215 -23.40 3.76 18.00
CA ARG C 215 -22.14 4.40 17.63
C ARG C 215 -22.32 5.83 17.09
N HIS C 216 -23.15 6.00 16.06
CA HIS C 216 -23.27 7.29 15.39
C HIS C 216 -23.80 8.48 16.20
N GLU C 217 -24.90 8.30 16.92
CA GLU C 217 -25.45 9.39 17.74
C GLU C 217 -24.46 9.79 18.81
N SER C 218 -23.68 8.81 19.27
CA SER C 218 -22.60 9.05 20.23
C SER C 218 -21.39 9.70 19.54
N LEU C 219 -21.26 9.48 18.24
CA LEU C 219 -20.16 10.04 17.43
C LEU C 219 -20.57 11.37 16.81
N ASP C 220 -21.56 12.02 17.44
CA ASP C 220 -22.08 13.34 17.08
C ASP C 220 -22.94 13.33 15.81
N LYS C 221 -22.44 12.76 14.72
CA LYS C 221 -23.23 12.61 13.49
C LYS C 221 -23.20 11.14 13.03
N SER C 222 -24.29 10.36 13.06
CA SER C 222 -25.70 10.61 13.49
C SER C 222 -26.50 11.31 12.42
N ASN C 223 -26.27 10.91 11.17
CA ASN C 223 -27.01 11.44 10.05
C ASN C 223 -26.54 10.72 8.80
N VAL C 224 -25.39 10.07 8.93
CA VAL C 224 -24.85 9.24 7.87
C VAL C 224 -25.20 7.82 8.23
N CYS C 225 -26.04 7.72 9.25
CA CYS C 225 -26.55 6.47 9.75
C CYS C 225 -27.66 5.90 8.86
N THR C 226 -27.53 4.63 8.46
CA THR C 226 -28.53 3.97 7.63
C THR C 226 -29.86 3.86 8.35
N THR C 227 -29.77 3.82 9.67
CA THR C 227 -30.94 3.82 10.52
C THR C 227 -31.66 5.15 10.37
N SER C 228 -30.92 6.24 10.47
CA SER C 228 -31.48 7.57 10.31
C SER C 228 -32.15 7.75 8.94
N ARG C 229 -31.42 7.43 7.88
CA ARG C 229 -31.92 7.49 6.50
C ARG C 229 -33.24 6.72 6.32
N VAL C 230 -33.24 5.45 6.70
CA VAL C 230 -34.42 4.60 6.53
C VAL C 230 -35.64 5.12 7.31
N LYS C 231 -35.41 5.69 8.50
CA LYS C 231 -36.51 6.17 9.32
C LYS C 231 -37.04 7.51 8.82
N ARG C 232 -36.15 8.34 8.31
CA ARG C 232 -36.58 9.64 7.79
C ARG C 232 -37.37 9.49 6.50
N TRP C 233 -37.08 8.44 5.74
CA TRP C 233 -37.85 8.08 4.57
C TRP C 233 -39.26 7.73 5.00
N VAL C 234 -39.36 6.89 6.01
CA VAL C 234 -40.65 6.44 6.46
C VAL C 234 -41.41 7.60 7.08
N PHE C 235 -40.72 8.43 7.84
CA PHE C 235 -41.41 9.51 8.51
C PHE C 235 -42.08 10.51 7.55
N THR C 236 -41.46 10.76 6.39
CA THR C 236 -42.06 11.68 5.43
C THR C 236 -43.15 10.99 4.64
N ILE C 237 -43.02 9.68 4.50
CA ILE C 237 -44.09 8.90 3.88
C ILE C 237 -45.34 8.92 4.75
N LEU C 238 -45.17 8.64 6.04
CA LEU C 238 -46.27 8.69 6.99
C LEU C 238 -46.92 10.06 7.06
N ASP C 239 -46.10 11.10 7.09
CA ASP C 239 -46.54 12.46 7.17
C ASP C 239 -47.60 12.85 6.17
N ARG C 240 -47.40 12.44 4.92
CA ARG C 240 -48.27 12.87 3.86
C ARG C 240 -49.40 11.86 3.69
N CYS C 241 -49.19 10.67 4.22
CA CYS C 241 -50.11 9.54 4.00
C CYS C 241 -51.10 9.31 5.15
N CYS C 242 -50.63 9.49 6.38
CA CYS C 242 -51.47 9.28 7.55
C CYS C 242 -52.67 10.20 7.61
N PRO C 243 -52.49 11.50 7.36
CA PRO C 243 -53.73 12.25 7.50
C PRO C 243 -54.70 11.98 6.35
N LEU C 244 -54.19 11.49 5.22
CA LEU C 244 -55.06 11.03 4.14
C LEU C 244 -55.98 9.90 4.55
N LEU C 245 -55.71 9.32 5.71
CA LEU C 245 -56.44 8.15 6.16
C LEU C 245 -57.08 8.47 7.50
N GLY C 246 -56.89 9.72 7.92
CA GLY C 246 -57.33 10.16 9.23
C GLY C 246 -56.68 9.31 10.30
N ILE C 247 -55.38 9.49 10.47
CA ILE C 247 -54.63 8.78 11.52
C ILE C 247 -53.79 9.75 12.33
N PRO C 248 -53.95 9.73 13.67
CA PRO C 248 -53.15 10.55 14.58
C PRO C 248 -51.70 10.07 14.65
N LEU C 249 -50.76 11.00 14.53
CA LEU C 249 -49.33 10.68 14.47
C LEU C 249 -48.65 10.57 15.84
N GLN C 250 -48.65 9.39 16.43
CA GLN C 250 -48.03 9.16 17.75
C GLN C 250 -46.49 9.32 17.67
N PRO C 251 -45.90 9.97 18.69
CA PRO C 251 -44.46 10.24 18.73
C PRO C 251 -43.61 8.99 19.00
N GLY C 252 -42.48 8.88 18.30
CA GLY C 252 -41.67 7.68 18.40
C GLY C 252 -42.24 6.62 17.49
N LYS C 253 -43.22 7.01 16.69
CA LYS C 253 -43.82 6.06 15.77
C LYS C 253 -43.91 6.61 14.36
N HIS C 254 -44.59 7.74 14.22
CA HIS C 254 -44.70 8.47 12.96
C HIS C 254 -43.80 9.68 13.07
N LEU C 255 -43.59 10.07 14.33
CA LEU C 255 -42.72 11.16 14.71
C LEU C 255 -41.56 10.66 15.55
N PRO C 256 -40.52 11.50 15.69
CA PRO C 256 -39.42 11.40 16.68
C PRO C 256 -39.95 11.81 18.07
N PHE C 257 -39.10 11.75 19.11
CA PHE C 257 -39.43 12.14 20.51
C PHE C 257 -39.91 10.94 21.31
N GLN D 9 34.00 -9.18 -21.67
CA GLN D 9 33.76 -10.16 -20.62
C GLN D 9 34.49 -9.77 -19.33
N ARG D 10 35.63 -10.41 -19.09
CA ARG D 10 36.46 -10.14 -17.91
C ARG D 10 37.03 -8.73 -17.94
N GLU D 11 36.14 -7.74 -17.96
CA GLU D 11 36.54 -6.34 -18.01
C GLU D 11 36.62 -5.70 -16.64
N MET D 12 37.03 -6.44 -15.61
CA MET D 12 37.15 -5.82 -14.29
C MET D 12 38.35 -6.21 -13.41
N LYS D 13 38.90 -7.42 -13.53
CA LYS D 13 40.07 -7.76 -12.71
C LYS D 13 41.21 -6.80 -12.95
N ASN D 14 41.15 -6.13 -14.09
CA ASN D 14 42.06 -5.03 -14.41
C ASN D 14 41.89 -3.89 -13.41
N ALA D 15 40.74 -3.82 -12.75
CA ALA D 15 40.52 -2.76 -11.77
C ALA D 15 40.55 -3.20 -10.31
N GLU D 16 40.84 -4.47 -10.05
CA GLU D 16 40.88 -4.93 -8.67
C GLU D 16 42.33 -5.14 -8.30
N ASP D 17 43.18 -5.29 -9.32
CA ASP D 17 44.61 -5.26 -9.07
C ASP D 17 44.99 -3.80 -8.95
N ASN D 18 44.32 -2.98 -9.73
CA ASN D 18 44.47 -1.54 -9.71
C ASN D 18 44.06 -0.91 -8.40
N GLU D 19 43.03 -1.44 -7.78
CA GLU D 19 42.75 -0.97 -6.44
C GLU D 19 43.90 -1.38 -5.54
N LYS D 20 44.42 -2.59 -5.75
CA LYS D 20 45.48 -3.12 -4.89
C LYS D 20 46.78 -2.36 -5.03
N LYS D 21 47.21 -2.10 -6.25
CA LYS D 21 48.48 -1.42 -6.41
C LYS D 21 48.44 -0.07 -5.76
N ASP D 22 47.28 0.55 -5.75
CA ASP D 22 47.14 1.84 -5.11
C ASP D 22 47.29 1.66 -3.59
N ILE D 23 46.62 0.68 -3.04
CA ILE D 23 46.70 0.47 -1.60
C ILE D 23 48.13 0.15 -1.17
N GLN D 24 48.85 -0.62 -1.98
CA GLN D 24 50.21 -1.03 -1.64
C GLN D 24 51.11 0.17 -1.57
N ASN D 25 51.14 0.93 -2.65
CA ASN D 25 51.93 2.14 -2.72
C ASN D 25 51.60 3.11 -1.61
N ILE D 26 50.34 3.25 -1.27
CA ILE D 26 50.00 4.10 -0.16
C ILE D 26 50.68 3.57 1.11
N VAL D 27 50.56 2.28 1.38
CA VAL D 27 51.05 1.81 2.66
C VAL D 27 52.57 1.62 2.60
N LYS D 28 53.08 1.14 1.47
CA LYS D 28 54.53 0.90 1.31
C LYS D 28 55.32 2.17 1.48
N LEU D 29 54.91 3.20 0.77
CA LEU D 29 55.63 4.46 0.82
C LEU D 29 55.53 5.17 2.16
N LYS D 30 54.45 4.96 2.88
CA LYS D 30 54.31 5.62 4.17
C LYS D 30 55.12 4.98 5.27
N VAL D 31 55.60 3.77 5.06
CA VAL D 31 56.45 3.21 6.09
C VAL D 31 57.87 3.54 5.75
N PHE D 32 58.18 3.55 4.45
CA PHE D 32 59.52 3.89 4.01
C PHE D 32 59.90 5.34 4.30
N ASP D 33 58.97 6.28 4.21
CA ASP D 33 59.37 7.61 4.66
C ASP D 33 58.91 7.75 6.12
N GLN D 34 58.71 6.60 6.72
CA GLN D 34 58.51 6.39 8.17
C GLN D 34 57.53 7.32 8.86
N SER D 35 56.28 7.36 8.41
CA SER D 35 55.27 8.21 9.04
C SER D 35 53.95 7.48 9.25
N ILE D 36 53.95 6.17 9.07
CA ILE D 36 52.70 5.43 9.00
C ILE D 36 51.99 5.33 10.35
N LYS D 37 52.74 5.51 11.42
CA LYS D 37 52.20 5.40 12.75
C LYS D 37 51.22 6.51 13.02
N THR D 38 51.37 7.59 12.27
CA THR D 38 50.66 8.79 12.61
C THR D 38 49.68 9.23 11.54
N GLU D 39 49.72 8.57 10.40
CA GLU D 39 48.83 8.91 9.29
C GLU D 39 47.40 8.50 9.57
N ASP D 40 46.48 9.25 8.97
CA ASP D 40 45.06 9.10 9.20
C ASP D 40 44.43 8.21 8.13
N PHE D 41 43.69 7.20 8.58
CA PHE D 41 42.94 6.36 7.66
C PHE D 41 41.44 6.48 7.99
N TYR D 42 40.60 6.26 6.98
CA TYR D 42 39.17 6.45 7.13
C TYR D 42 38.36 5.18 6.82
N VAL D 43 37.55 4.75 7.78
CA VAL D 43 36.71 3.58 7.59
C VAL D 43 35.24 4.01 7.63
N ILE D 44 34.45 3.43 6.75
CA ILE D 44 33.05 3.82 6.62
C ILE D 44 32.11 2.61 6.71
N ASP D 45 30.94 2.84 7.31
CA ASP D 45 29.89 1.84 7.38
C ASP D 45 28.53 2.49 7.16
N VAL D 46 27.56 1.73 6.65
CA VAL D 46 26.19 2.22 6.50
C VAL D 46 25.20 1.16 6.92
N ASN D 47 24.04 1.60 7.42
CA ASN D 47 22.84 0.76 7.48
C ASN D 47 21.89 1.25 6.43
N SER D 48 21.44 0.37 5.55
CA SER D 48 20.46 0.79 4.56
C SER D 48 19.11 0.08 4.80
N TYR D 49 18.01 0.83 4.78
CA TYR D 49 16.67 0.25 4.97
C TYR D 49 16.43 -0.92 4.02
N CYS D 50 16.67 -0.70 2.74
CA CYS D 50 16.57 -1.78 1.74
C CYS D 50 17.19 -1.31 0.44
N LYS D 51 17.20 -2.14 -0.58
CA LYS D 51 17.72 -1.67 -1.85
C LYS D 51 16.59 -1.49 -2.86
N ALA D 52 16.10 -0.27 -2.93
CA ALA D 52 14.99 0.08 -3.79
C ALA D 52 15.44 0.79 -5.07
N ASN D 53 15.14 0.17 -6.20
CA ASN D 53 15.36 0.79 -7.51
C ASN D 53 16.81 1.18 -7.80
N GLY D 54 17.75 0.30 -7.44
CA GLY D 54 19.15 0.53 -7.73
C GLY D 54 19.88 1.25 -6.61
N ASP D 55 19.09 1.85 -5.73
CA ASP D 55 19.64 2.65 -4.63
C ASP D 55 19.46 2.04 -3.27
N TYR D 56 20.41 2.30 -2.38
CA TYR D 56 20.26 1.91 -1.01
C TYR D 56 19.61 3.03 -0.25
N LEU D 57 18.52 2.71 0.44
CA LEU D 57 17.89 3.70 1.28
C LEU D 57 18.75 3.84 2.52
N ILE D 58 19.71 4.74 2.50
CA ILE D 58 20.62 4.81 3.64
C ILE D 58 19.87 5.43 4.80
N GLY D 59 20.01 4.83 5.96
CA GLY D 59 19.37 5.31 7.15
C GLY D 59 20.39 5.69 8.18
N GLU D 60 21.60 5.19 7.97
CA GLU D 60 22.69 5.47 8.88
C GLU D 60 24.04 5.31 8.20
N PHE D 61 25.02 6.03 8.71
CA PHE D 61 26.40 5.78 8.35
C PHE D 61 27.27 6.35 9.46
N THR D 62 28.48 5.82 9.52
CA THR D 62 29.55 6.41 10.30
C THR D 62 30.81 6.37 9.45
N VAL D 63 31.57 7.46 9.48
CA VAL D 63 32.92 7.48 8.94
C VAL D 63 33.87 7.74 10.10
N THR D 64 34.93 6.94 10.23
CA THR D 64 35.83 7.07 11.37
C THR D 64 37.27 7.35 10.97
N GLN D 65 37.93 8.24 11.71
CA GLN D 65 39.31 8.60 11.46
C GLN D 65 40.17 8.01 12.56
N PHE D 66 41.16 7.23 12.17
CA PHE D 66 42.05 6.69 13.14
C PHE D 66 43.46 6.69 12.60
N SER D 67 44.42 6.58 13.50
CA SER D 67 45.82 6.35 13.17
C SER D 67 46.33 5.27 14.09
N LEU D 68 47.39 4.57 13.69
CA LEU D 68 47.98 3.54 14.53
C LEU D 68 48.36 4.13 15.90
N GLN D 69 48.96 5.30 15.86
CA GLN D 69 49.41 5.97 17.08
C GLN D 69 48.25 6.31 17.99
N ASP D 70 47.22 6.94 17.41
CA ASP D 70 46.15 7.55 18.17
C ASP D 70 44.92 6.65 18.40
N GLY D 71 44.75 5.65 17.54
CA GLY D 71 43.53 4.84 17.59
C GLY D 71 42.40 5.64 16.97
N VAL D 72 41.18 5.42 17.42
CA VAL D 72 40.07 6.20 16.93
C VAL D 72 40.23 7.66 17.34
N LYS D 73 40.30 8.54 16.34
CA LYS D 73 40.48 9.94 16.65
C LYS D 73 39.14 10.58 16.95
N ASN D 74 38.20 10.38 16.03
CA ASN D 74 36.81 10.85 16.14
C ASN D 74 36.01 10.25 14.99
N SER D 75 34.77 10.70 14.80
CA SER D 75 33.98 10.21 13.68
C SER D 75 32.80 11.12 13.29
N TYR D 76 32.34 10.96 12.05
CA TYR D 76 31.18 11.71 11.57
C TYR D 76 30.03 10.78 11.20
N HIS D 77 29.01 10.81 12.03
CA HIS D 77 27.88 9.90 11.92
C HIS D 77 26.53 10.60 11.76
N GLU D 78 25.73 10.12 10.80
CA GLU D 78 24.39 10.63 10.65
C GLU D 78 23.38 9.49 10.52
N THR D 79 22.19 9.70 11.09
CA THR D 79 21.04 8.85 10.85
C THR D 79 20.18 9.51 9.79
N ILE D 80 19.92 8.82 8.68
CA ILE D 80 19.12 9.42 7.61
C ILE D 80 17.71 8.83 7.52
N ILE D 81 16.71 9.60 7.91
CA ILE D 81 15.32 9.17 7.80
C ILE D 81 14.65 9.74 6.55
N PRO D 82 14.46 8.93 5.49
CA PRO D 82 13.97 9.41 4.20
C PRO D 82 12.64 10.11 4.32
N SER D 83 12.31 10.97 3.36
CA SER D 83 11.04 11.65 3.38
C SER D 83 9.89 10.65 3.46
N CYS D 84 9.94 9.63 2.60
CA CYS D 84 8.87 8.66 2.46
C CYS D 84 9.42 7.26 2.19
N VAL D 85 8.55 6.26 2.32
CA VAL D 85 8.86 4.86 2.05
C VAL D 85 8.72 4.56 0.56
N PRO D 86 9.72 3.93 -0.06
CA PRO D 86 9.58 3.68 -1.50
C PRO D 86 8.36 2.85 -1.75
N VAL D 87 7.70 3.03 -2.89
CA VAL D 87 6.43 2.35 -3.15
C VAL D 87 6.83 0.98 -3.72
N GLY D 88 6.30 -0.07 -3.08
CA GLY D 88 6.64 -1.43 -3.39
C GLY D 88 7.53 -2.09 -2.36
N TYR D 89 8.05 -1.30 -1.41
CA TYR D 89 9.12 -1.75 -0.50
C TYR D 89 8.74 -1.52 0.94
N MET D 90 7.47 -1.68 1.23
CA MET D 90 6.96 -1.51 2.58
C MET D 90 7.49 -2.66 3.46
N PHE D 91 7.46 -3.87 2.91
CA PHE D 91 7.96 -5.03 3.62
C PHE D 91 9.43 -4.89 4.00
N ASP D 92 10.25 -4.60 3.00
CA ASP D 92 11.68 -4.40 3.16
C ASP D 92 12.09 -3.16 4.00
N VAL D 93 11.48 -2.00 3.79
CA VAL D 93 11.79 -0.86 4.65
C VAL D 93 11.39 -1.12 6.10
N LYS D 94 10.21 -1.68 6.28
CA LYS D 94 9.69 -1.91 7.62
C LYS D 94 10.52 -2.99 8.29
N LEU D 95 10.96 -3.96 7.48
CA LEU D 95 11.87 -5.00 7.95
C LEU D 95 13.21 -4.41 8.33
N GLY D 96 13.76 -3.60 7.42
CA GLY D 96 15.05 -2.95 7.59
C GLY D 96 15.05 -2.00 8.78
N ALA D 97 13.95 -1.29 8.95
CA ALA D 97 13.80 -0.40 10.09
C ALA D 97 13.93 -1.19 11.37
N GLU D 98 13.34 -2.37 11.37
CA GLU D 98 13.28 -3.24 12.53
C GLU D 98 14.66 -3.78 12.87
N GLU D 99 15.33 -4.33 11.88
CA GLU D 99 16.64 -4.94 12.08
C GLU D 99 17.70 -3.96 12.62
N PHE D 100 17.79 -2.77 12.03
CA PHE D 100 18.91 -1.91 12.27
C PHE D 100 18.59 -0.83 13.28
N GLY D 101 17.36 -0.87 13.78
CA GLY D 101 16.91 0.06 14.80
C GLY D 101 16.58 1.42 14.23
N LEU D 102 16.48 1.51 12.91
CA LEU D 102 16.20 2.77 12.22
C LEU D 102 14.74 3.23 12.37
N GLU D 103 14.49 4.53 12.35
CA GLU D 103 13.11 5.00 12.33
C GLU D 103 12.58 4.98 10.91
N MET D 104 11.27 4.86 10.76
CA MET D 104 10.66 4.73 9.46
C MET D 104 10.67 6.08 8.80
N PRO D 105 10.72 6.11 7.47
CA PRO D 105 10.66 7.38 6.74
C PRO D 105 9.47 8.20 7.19
N GLY D 106 9.54 9.52 7.07
CA GLY D 106 8.42 10.34 7.48
C GLY D 106 8.27 10.32 8.99
N ASN D 113 20.31 17.84 2.77
CA ASN D 113 21.44 17.21 3.44
C ASN D 113 22.33 16.39 2.51
N TYR D 114 21.71 15.69 1.57
CA TYR D 114 22.44 14.84 0.65
C TYR D 114 23.46 15.73 -0.07
N ILE D 115 23.04 16.98 -0.21
CA ILE D 115 23.89 18.12 -0.56
C ILE D 115 24.91 18.47 0.55
N GLN D 116 24.43 18.66 1.77
CA GLN D 116 25.25 19.04 2.91
C GLN D 116 26.14 17.99 3.51
N ILE D 117 25.62 16.79 3.75
CA ILE D 117 26.43 15.81 4.46
C ILE D 117 27.51 15.40 3.49
N LEU D 118 27.18 15.34 2.20
CA LEU D 118 28.17 15.19 1.16
C LEU D 118 29.24 16.23 1.34
N ALA D 119 28.79 17.45 1.63
CA ALA D 119 29.72 18.54 1.86
C ALA D 119 30.46 18.39 3.17
N ASN D 120 29.87 17.68 4.13
CA ASN D 120 30.57 17.44 5.38
C ASN D 120 31.50 16.24 5.36
N ILE D 121 31.16 15.29 4.51
CA ILE D 121 31.99 14.12 4.31
C ILE D 121 33.26 14.58 3.64
N ILE D 122 33.10 15.35 2.57
CA ILE D 122 34.23 15.87 1.82
C ILE D 122 35.19 16.69 2.69
N ASP D 123 34.61 17.44 3.63
CA ASP D 123 35.41 18.17 4.60
C ASP D 123 36.18 17.22 5.52
N TYR D 124 35.51 16.18 6.00
CA TYR D 124 36.13 15.19 6.89
C TYR D 124 37.31 14.52 6.21
N LEU D 125 37.22 14.34 4.90
CA LEU D 125 38.24 13.60 4.16
C LEU D 125 39.42 14.44 3.64
N LYS D 126 39.16 15.67 3.19
CA LYS D 126 40.19 16.52 2.58
C LYS D 126 41.34 16.81 3.51
N GLN D 127 42.57 16.70 2.98
CA GLN D 127 43.75 16.87 3.81
C GLN D 127 44.03 18.37 3.80
N LYS D 128 44.16 18.93 5.00
CA LYS D 128 44.29 20.37 5.19
C LYS D 128 45.46 21.04 4.47
N ASP D 129 46.68 20.60 4.74
CA ASP D 129 47.86 21.15 4.07
C ASP D 129 48.37 20.26 2.95
N ARG D 130 47.44 19.68 2.20
CA ARG D 130 47.75 18.92 1.00
C ARG D 130 47.74 19.90 -0.16
N THR D 131 48.53 19.66 -1.21
CA THR D 131 48.62 20.61 -2.31
C THR D 131 47.89 20.11 -3.56
N VAL D 132 47.13 19.04 -3.40
CA VAL D 132 46.31 18.50 -4.50
C VAL D 132 44.82 18.35 -4.14
N GLN D 133 43.98 18.40 -5.16
CA GLN D 133 42.55 18.24 -4.96
C GLN D 133 42.25 16.77 -5.00
N VAL D 134 42.55 16.12 -3.89
CA VAL D 134 42.45 14.66 -3.77
C VAL D 134 41.97 14.27 -2.38
N LEU D 135 41.00 13.36 -2.38
CA LEU D 135 40.45 12.80 -1.16
C LEU D 135 41.07 11.40 -0.93
N PRO D 136 41.35 11.06 0.34
CA PRO D 136 41.80 9.73 0.72
C PRO D 136 40.80 8.66 0.32
N PRO D 137 41.22 7.39 0.30
CA PRO D 137 40.16 6.40 0.12
C PRO D 137 39.41 6.20 1.44
N MET D 138 38.23 5.62 1.37
CA MET D 138 37.60 5.11 2.57
C MET D 138 37.45 3.62 2.43
N PHE D 139 37.68 2.92 3.53
CA PHE D 139 37.69 1.47 3.50
C PHE D 139 36.49 0.92 4.23
N THR D 140 35.91 -0.13 3.67
CA THR D 140 34.76 -0.75 4.30
C THR D 140 34.88 -2.23 3.99
N LEU D 141 34.13 -3.05 4.68
CA LEU D 141 34.13 -4.48 4.40
C LEU D 141 33.68 -4.71 2.98
N PRO D 142 34.30 -5.67 2.29
CA PRO D 142 34.04 -5.98 0.88
C PRO D 142 32.54 -6.05 0.55
N GLU D 143 31.74 -6.60 1.46
CA GLU D 143 30.32 -6.73 1.22
C GLU D 143 29.66 -5.34 1.26
N LYS D 144 30.06 -4.52 2.22
CA LYS D 144 29.51 -3.18 2.37
C LYS D 144 30.07 -2.16 1.38
N VAL D 145 30.96 -2.59 0.48
CA VAL D 145 31.54 -1.70 -0.53
C VAL D 145 30.45 -1.27 -1.52
N ASP D 146 29.68 -2.27 -1.94
CA ASP D 146 28.58 -2.12 -2.89
C ASP D 146 27.58 -1.08 -2.44
N ALA D 147 27.26 -1.13 -1.16
CA ALA D 147 26.34 -0.19 -0.51
C ALA D 147 26.86 1.22 -0.53
N VAL D 148 28.09 1.39 -0.08
CA VAL D 148 28.67 2.70 0.10
C VAL D 148 28.93 3.37 -1.24
N GLN D 149 29.32 2.60 -2.25
CA GLN D 149 29.50 3.20 -3.56
C GLN D 149 28.18 3.72 -4.12
N ASN D 150 27.09 3.01 -3.91
CA ASN D 150 25.79 3.54 -4.36
C ASN D 150 25.37 4.84 -3.68
N PHE D 151 25.37 4.82 -2.35
CA PHE D 151 25.16 5.98 -1.50
C PHE D 151 25.84 7.26 -1.98
N ILE D 152 27.14 7.11 -2.23
CA ILE D 152 28.00 8.19 -2.71
C ILE D 152 27.51 8.68 -4.07
N SER D 153 27.32 7.74 -5.00
CA SER D 153 26.82 8.08 -6.31
C SER D 153 25.54 8.82 -6.16
N GLN D 154 24.67 8.30 -5.32
CA GLN D 154 23.40 8.95 -5.09
C GLN D 154 23.66 10.38 -4.68
N MET D 155 24.70 10.60 -3.87
CA MET D 155 24.89 11.92 -3.31
C MET D 155 25.53 12.94 -4.22
N CYS D 156 26.43 12.46 -5.08
CA CYS D 156 27.13 13.33 -6.00
C CYS D 156 26.30 13.64 -7.23
N ASN D 157 25.09 13.07 -7.27
CA ASN D 157 24.13 13.45 -8.29
C ASN D 157 23.39 14.66 -7.74
N CYS D 158 23.30 14.68 -6.42
CA CYS D 158 22.68 15.76 -5.67
C CYS D 158 23.53 17.03 -5.54
N ALA D 159 24.68 17.06 -6.22
CA ALA D 159 25.63 18.16 -6.09
C ALA D 159 26.58 18.23 -7.28
N THR D 160 27.30 19.36 -7.36
CA THR D 160 28.20 19.65 -8.49
C THR D 160 29.36 18.68 -8.58
N GLU D 161 29.46 17.84 -7.55
CA GLU D 161 30.57 16.90 -7.41
C GLU D 161 30.45 15.68 -8.30
N ASP D 162 31.54 14.93 -8.36
CA ASP D 162 31.60 13.76 -9.20
C ASP D 162 31.72 12.51 -8.36
N ASP D 163 30.99 11.48 -8.77
CA ASP D 163 31.14 10.14 -8.25
C ASP D 163 32.63 9.77 -8.17
N SER D 164 33.35 10.02 -9.26
CA SER D 164 34.73 9.58 -9.45
C SER D 164 35.73 10.03 -8.38
N LEU D 165 35.49 11.19 -7.81
CA LEU D 165 36.35 11.75 -6.76
C LEU D 165 36.69 10.84 -5.57
N PHE D 166 35.78 9.92 -5.21
CA PHE D 166 35.94 9.15 -3.97
C PHE D 166 36.42 7.73 -4.23
N ARG D 167 37.14 7.19 -3.26
CA ARG D 167 37.54 5.79 -3.34
C ARG D 167 36.92 4.97 -2.23
N ILE D 168 36.16 3.95 -2.64
CA ILE D 168 35.55 2.99 -1.70
C ILE D 168 36.22 1.62 -1.78
N TYR D 169 37.07 1.33 -0.80
CA TYR D 169 38.00 0.22 -0.90
C TYR D 169 37.81 -0.90 0.08
N LYS D 170 38.35 -2.06 -0.26
CA LYS D 170 38.18 -3.25 0.59
C LYS D 170 39.11 -3.20 1.78
N LEU D 171 38.52 -3.36 2.95
CA LEU D 171 39.24 -3.17 4.20
C LEU D 171 40.24 -4.31 4.40
N ASP D 172 39.89 -5.50 3.93
CA ASP D 172 40.79 -6.66 4.03
C ASP D 172 42.01 -6.49 3.13
N THR D 173 41.82 -6.00 1.91
CA THR D 173 42.93 -5.71 1.01
C THR D 173 43.84 -4.70 1.67
N PHE D 174 43.26 -3.76 2.39
CA PHE D 174 44.05 -2.83 3.17
C PHE D 174 44.78 -3.49 4.31
N PHE D 175 44.01 -4.19 5.15
CA PHE D 175 44.53 -4.84 6.34
C PHE D 175 45.65 -5.78 5.97
N PHE D 176 45.39 -6.63 4.99
CA PHE D 176 46.40 -7.56 4.51
C PHE D 176 47.65 -6.79 4.16
N THR D 177 47.47 -5.70 3.41
CA THR D 177 48.58 -4.92 2.89
C THR D 177 49.34 -4.16 3.98
N LEU D 178 48.61 -3.56 4.91
CA LEU D 178 49.20 -2.88 6.06
C LEU D 178 50.11 -3.74 6.97
N ILE D 179 49.54 -4.78 7.57
CA ILE D 179 50.23 -5.56 8.62
C ILE D 179 51.52 -6.30 8.19
N ASN D 180 51.53 -6.90 7.01
CA ASN D 180 52.65 -7.74 6.63
C ASN D 180 53.83 -6.87 6.20
N ALA D 181 53.56 -5.58 6.11
CA ALA D 181 54.56 -4.58 5.78
C ALA D 181 55.14 -3.96 7.03
N ILE D 182 54.54 -4.21 8.18
CA ILE D 182 55.07 -3.65 9.42
C ILE D 182 55.46 -4.79 10.35
N HIS D 185 59.59 -9.37 11.12
CA HIS D 185 59.94 -10.76 11.42
C HIS D 185 59.14 -11.72 10.53
N HIS D 186 59.75 -12.85 10.15
CA HIS D 186 59.10 -13.88 9.32
C HIS D 186 57.92 -14.50 10.04
N ASP D 187 58.03 -14.50 11.36
CA ASP D 187 57.04 -15.03 12.26
C ASP D 187 55.70 -14.24 12.26
N GLU D 188 55.79 -12.95 11.92
CA GLU D 188 54.68 -11.99 12.00
C GLU D 188 53.72 -11.85 10.81
N GLY D 189 52.44 -11.61 11.07
CA GLY D 189 51.52 -11.27 10.00
C GLY D 189 50.62 -12.36 9.43
N PHE D 190 50.03 -12.05 8.28
CA PHE D 190 49.10 -12.96 7.59
C PHE D 190 49.73 -13.55 6.33
N PRO D 191 49.73 -14.89 6.23
CA PRO D 191 50.19 -15.60 5.03
C PRO D 191 49.24 -15.48 3.85
N LYS D 192 47.92 -15.57 4.10
CA LYS D 192 46.93 -15.45 3.03
C LYS D 192 45.86 -14.41 3.39
N GLU D 193 45.31 -13.75 2.36
CA GLU D 193 44.34 -12.65 2.59
C GLU D 193 43.06 -13.08 3.28
N SER D 194 42.56 -14.27 2.96
CA SER D 194 41.35 -14.81 3.54
C SER D 194 41.31 -14.67 5.05
N LEU D 195 42.48 -14.84 5.66
CA LEU D 195 42.60 -14.80 7.10
C LEU D 195 42.31 -13.40 7.60
N ALA D 196 42.52 -12.42 6.73
CA ALA D 196 42.29 -11.02 7.06
C ALA D 196 40.80 -10.74 7.08
N LEU D 197 40.10 -11.18 6.03
CA LEU D 197 38.65 -11.13 6.00
C LEU D 197 38.10 -11.84 7.22
N THR D 198 38.64 -13.01 7.49
CA THR D 198 38.21 -13.85 8.59
C THR D 198 38.56 -13.27 9.97
N GLN D 199 39.58 -12.45 10.06
CA GLN D 199 39.95 -11.90 11.37
C GLN D 199 39.10 -10.70 11.72
N LEU D 200 38.68 -9.98 10.68
CA LEU D 200 37.76 -8.86 10.84
C LEU D 200 36.33 -9.37 10.95
N THR D 201 36.11 -10.60 10.52
CA THR D 201 34.83 -11.29 10.71
C THR D 201 34.89 -12.08 12.03
N LYS D 202 36.10 -12.50 12.41
CA LYS D 202 36.33 -13.17 13.70
C LYS D 202 35.68 -12.31 14.76
N ASP D 203 35.95 -11.01 14.72
CA ASP D 203 35.28 -10.10 15.63
C ASP D 203 34.60 -8.93 14.90
N LEU D 204 33.87 -9.20 13.82
CA LEU D 204 32.93 -8.19 13.30
C LEU D 204 31.78 -8.17 14.29
N PHE D 205 31.07 -9.29 14.38
CA PHE D 205 30.04 -9.42 15.38
C PHE D 205 30.58 -10.27 16.54
N PRO D 209 29.66 -4.64 23.13
CA PRO D 209 30.30 -3.47 23.73
C PRO D 209 29.43 -2.22 23.64
N GLY D 210 29.75 -1.19 24.44
CA GLY D 210 28.92 0.00 24.54
C GLY D 210 29.02 1.13 23.52
N ILE D 211 30.11 1.20 22.75
CA ILE D 211 30.31 2.30 21.81
C ILE D 211 29.33 2.34 20.61
N ALA D 212 28.50 3.38 20.56
CA ALA D 212 27.57 3.58 19.44
C ALA D 212 27.08 5.04 19.34
N CYS D 213 25.90 5.21 18.73
CA CYS D 213 25.19 6.49 18.66
C CYS D 213 24.15 6.62 19.79
N GLU D 214 23.87 7.86 20.20
CA GLU D 214 22.98 8.13 21.31
C GLU D 214 21.65 7.41 21.16
N ARG D 215 21.10 7.42 19.94
CA ARG D 215 19.84 6.71 19.70
C ARG D 215 19.95 5.23 20.02
N HIS D 216 20.89 4.55 19.36
CA HIS D 216 21.06 3.11 19.52
C HIS D 216 21.45 2.69 20.93
N GLU D 217 22.39 3.40 21.55
CA GLU D 217 22.81 3.09 22.92
C GLU D 217 21.64 3.21 23.89
N SER D 218 20.76 4.17 23.62
CA SER D 218 19.54 4.32 24.40
C SER D 218 18.49 3.29 23.97
N LEU D 219 18.62 2.78 22.75
CA LEU D 219 17.61 1.90 22.16
C LEU D 219 17.76 0.40 22.39
N ASP D 220 18.47 0.00 23.45
CA ASP D 220 18.53 -1.42 23.85
C ASP D 220 19.38 -2.29 22.91
N LYS D 221 19.24 -2.10 21.61
CA LYS D 221 20.04 -2.85 20.65
C LYS D 221 20.89 -1.89 19.80
N SER D 222 22.19 -1.97 20.05
CA SER D 222 23.17 -1.03 19.54
C SER D 222 24.42 -1.79 19.12
N ASN D 223 24.25 -2.70 18.18
CA ASN D 223 25.34 -3.49 17.67
C ASN D 223 25.16 -3.60 16.17
N VAL D 224 23.98 -3.15 15.73
CA VAL D 224 23.62 -3.05 14.33
C VAL D 224 23.81 -1.59 13.94
N CYS D 225 24.46 -0.87 14.86
CA CYS D 225 24.88 0.52 14.72
C CYS D 225 26.09 0.64 13.81
N THR D 226 26.08 1.58 12.86
CA THR D 226 27.24 1.77 11.98
C THR D 226 28.49 2.26 12.70
N THR D 227 28.32 3.01 13.78
CA THR D 227 29.46 3.47 14.56
C THR D 227 30.17 2.26 15.17
N SER D 228 29.38 1.33 15.70
CA SER D 228 29.92 0.08 16.23
C SER D 228 30.73 -0.73 15.19
N ARG D 229 30.14 -1.06 14.05
CA ARG D 229 30.88 -1.78 13.00
C ARG D 229 32.20 -1.13 12.61
N VAL D 230 32.21 0.15 12.29
CA VAL D 230 33.43 0.81 11.87
C VAL D 230 34.48 0.72 12.98
N LYS D 231 34.04 0.80 14.24
CA LYS D 231 34.95 0.74 15.38
C LYS D 231 35.41 -0.69 15.74
N ARG D 232 34.53 -1.68 15.59
CA ARG D 232 34.92 -3.06 15.87
C ARG D 232 35.91 -3.53 14.82
N TRP D 233 35.77 -2.98 13.60
CA TRP D 233 36.69 -3.26 12.52
C TRP D 233 38.06 -2.72 12.89
N VAL D 234 38.08 -1.46 13.30
CA VAL D 234 39.34 -0.76 13.60
C VAL D 234 40.05 -1.28 14.84
N PHE D 235 39.31 -1.57 15.90
CA PHE D 235 39.93 -2.04 17.13
C PHE D 235 40.67 -3.36 16.96
N THR D 236 40.15 -4.23 16.10
CA THR D 236 40.81 -5.53 15.90
C THR D 236 42.01 -5.35 14.97
N ILE D 237 41.96 -4.38 14.08
CA ILE D 237 43.12 -4.07 13.26
C ILE D 237 44.21 -3.57 14.18
N LEU D 238 43.84 -2.71 15.11
CA LEU D 238 44.77 -2.24 16.13
C LEU D 238 45.34 -3.38 16.95
N ASP D 239 44.50 -4.33 17.34
CA ASP D 239 44.95 -5.50 18.09
C ASP D 239 46.10 -6.26 17.46
N ARG D 240 46.03 -6.49 16.16
CA ARG D 240 47.01 -7.31 15.49
C ARG D 240 48.16 -6.46 14.98
N CYS D 241 47.94 -5.15 14.80
CA CYS D 241 48.96 -4.28 14.19
C CYS D 241 49.79 -3.43 15.15
N CYS D 242 49.18 -2.88 16.18
CA CYS D 242 49.88 -1.96 17.09
C CYS D 242 51.06 -2.56 17.84
N PRO D 243 50.88 -3.77 18.41
CA PRO D 243 52.06 -4.20 19.15
C PRO D 243 53.20 -4.61 18.20
N LEU D 244 52.87 -4.89 16.94
CA LEU D 244 53.90 -5.12 15.91
C LEU D 244 54.84 -3.93 15.84
N LEU D 245 54.42 -2.85 16.49
CA LEU D 245 55.15 -1.60 16.45
C LEU D 245 55.53 -1.15 17.85
N GLY D 246 55.23 -1.99 18.85
CA GLY D 246 55.48 -1.63 20.23
C GLY D 246 54.74 -0.35 20.59
N ILE D 247 53.42 -0.43 20.71
CA ILE D 247 52.60 0.73 21.07
C ILE D 247 51.65 0.38 22.22
N PRO D 248 51.63 1.21 23.28
CA PRO D 248 50.68 0.95 24.38
C PRO D 248 49.23 1.25 23.97
N LEU D 249 48.33 0.30 24.19
CA LEU D 249 46.94 0.42 23.74
C LEU D 249 46.00 1.09 24.74
N GLN D 250 45.93 2.42 24.71
CA GLN D 250 45.10 3.19 25.62
C GLN D 250 43.60 2.97 25.39
N PRO D 251 42.82 2.86 26.47
CA PRO D 251 41.38 2.62 26.35
C PRO D 251 40.67 3.87 25.82
N GLY D 252 39.68 3.69 24.96
CA GLY D 252 39.02 4.83 24.33
C GLY D 252 39.85 5.33 23.16
N LYS D 253 40.90 4.58 22.86
CA LYS D 253 41.77 4.87 21.73
C LYS D 253 41.92 3.58 20.94
N HIS D 254 42.43 2.54 21.59
CA HIS D 254 42.54 1.21 20.97
C HIS D 254 41.56 0.18 21.52
N LEU D 255 41.20 0.37 22.78
CA LEU D 255 40.20 -0.46 23.46
C LEU D 255 39.07 0.49 23.90
N PRO D 256 37.89 -0.06 24.25
CA PRO D 256 36.81 0.73 24.88
C PRO D 256 37.06 1.03 26.37
N PHE D 257 36.00 1.17 27.19
CA PHE D 257 36.05 1.36 28.65
C PHE D 257 36.16 2.83 28.98
#